data_5OUT
#
_entry.id   5OUT
#
_cell.length_a   87.680
_cell.length_b   158.130
_cell.length_c   77.880
_cell.angle_alpha   90.00
_cell.angle_beta   90.00
_cell.angle_gamma   90.00
#
_symmetry.space_group_name_H-M   'P 21 21 2'
#
loop_
_entity.id
_entity.type
_entity.pdbx_description
1 polymer 'Ferric enterobactin receptor'
2 water water
#
_entity_poly.entity_id   1
_entity_poly.type   'polypeptide(L)'
_entity_poly.pdbx_seq_one_letter_code
;AGQGDGSVIELGEQTVVATAQEETKQAPGVSIITAEDIAKRPPSNDLSQIIRTMPGVNLTGNSSSGQRGNNRQIDIRGMG
PENTLILVDGKPVSSRNSVRYGWRGERDSRGDTNWVPADQVERIEVIRGPAAARYGNGAAGGVVNIITKQAGAETHGNLS
VYSNFPQHKAEGASERMSFGLNGPLTENLSYRVYGNIAKTDSDDWDINAGHESNRTGKQAGTLPAGREGVRNKDIDGLLS
WRLTPEQTLEFEAGFSRQGNIYTGDTQNTNSNNYVKQMLGHETNRMYRETYSVTHRGEWDFGSSLAYLQYEKTRNSRINE
GLAVGTEGIFDPNNAGFYTATLRDLTAHGEVNLPLHLGYEQTLTLGSEWTEQKLDDPSSNTQNTEEGGSIPGLAGKNRSS
SSSARIFSLFAEDNIELMPGTMLTPGLRWDHHDIVGDNWSPSLNLSHALTERVTLKAGIARAYKAPNLYQLNPDYLLYSR
GQGCYGQSTSCYLRGNDGLKAETSVNKELGIEYSHDGLVAGLTYFRNDYKNKIESGLSPVDHASGGKGDYANAAIYQWEN
VPKAVVEGLEGTLTLPLADGLKWSNNLTYMLQSKNKETGDVLSVTPRYTLNSMLDWQATDDLSLQATVTWYGKQKPKKYD
YHGDRVTGSANDQLSPYAIAGLGGTYRLSKNLSLGAGVDNLFDKRLFRAGNAQGVVGIDGAGAATYNEPGRTFYTSLTAS
F
;
_entity_poly.pdbx_strand_id   A
#
# COMPACT_ATOMS: atom_id res chain seq x y z
N THR A 15 1.23 -38.78 0.87
CA THR A 15 0.71 -37.38 1.01
C THR A 15 1.11 -36.80 2.37
N VAL A 16 1.81 -35.66 2.34
CA VAL A 16 2.19 -34.91 3.54
C VAL A 16 1.61 -33.49 3.40
N VAL A 17 1.16 -32.94 4.52
CA VAL A 17 0.37 -31.69 4.53
C VAL A 17 1.28 -30.47 4.47
N ALA A 18 0.83 -29.44 3.74
CA ALA A 18 1.54 -28.16 3.67
C ALA A 18 1.35 -27.37 4.96
N THR A 19 2.22 -26.39 5.17
CA THR A 19 2.14 -25.52 6.35
C THR A 19 0.85 -24.71 6.29
N ALA A 20 0.40 -24.20 7.44
CA ALA A 20 -0.76 -23.29 7.49
C ALA A 20 -0.53 -22.05 6.60
N GLN A 21 0.69 -21.52 6.60
CA GLN A 21 1.09 -20.41 5.73
C GLN A 21 0.77 -20.69 4.25
N GLU A 22 1.12 -21.88 3.78
CA GLU A 22 0.93 -22.28 2.37
C GLU A 22 -0.50 -22.74 2.05
N GLU A 23 -1.14 -23.46 2.98
CA GLU A 23 -2.54 -23.90 2.79
C GLU A 23 -3.47 -22.72 2.55
N THR A 24 -3.38 -21.72 3.42
CA THR A 24 -4.29 -20.57 3.39
C THR A 24 -4.04 -19.61 2.21
N LYS A 25 -3.00 -19.84 1.42
CA LYS A 25 -2.81 -19.15 0.14
C LYS A 25 -3.87 -19.57 -0.91
N GLN A 26 -4.62 -20.65 -0.67
CA GLN A 26 -5.76 -21.03 -1.53
C GLN A 26 -7.10 -20.54 -0.96
N ALA A 27 -7.08 -19.68 0.07
CA ALA A 27 -8.31 -19.14 0.63
C ALA A 27 -8.95 -18.18 -0.36
N PRO A 28 -10.28 -17.95 -0.24
CA PRO A 28 -11.02 -17.07 -1.14
C PRO A 28 -10.40 -15.69 -1.34
N GLY A 29 -9.82 -15.13 -0.27
CA GLY A 29 -9.23 -13.81 -0.32
C GLY A 29 -7.81 -13.71 -0.82
N VAL A 30 -7.29 -14.77 -1.48
CA VAL A 30 -5.94 -14.74 -2.04
C VAL A 30 -5.97 -14.73 -3.56
N SER A 31 -5.15 -13.86 -4.14
CA SER A 31 -4.87 -13.84 -5.57
C SER A 31 -3.36 -13.94 -5.76
N ILE A 32 -2.94 -14.59 -6.84
CA ILE A 32 -1.53 -14.69 -7.20
C ILE A 32 -1.32 -14.04 -8.56
N ILE A 33 -0.32 -13.16 -8.64
CA ILE A 33 0.12 -12.58 -9.89
C ILE A 33 1.45 -13.24 -10.22
N THR A 34 1.55 -13.89 -11.37
CA THR A 34 2.80 -14.55 -11.78
C THR A 34 3.69 -13.62 -12.60
N ALA A 35 4.93 -14.05 -12.78
CA ALA A 35 5.89 -13.37 -13.66
C ALA A 35 5.37 -13.29 -15.09
N GLU A 36 4.74 -14.38 -15.53
CA GLU A 36 4.14 -14.44 -16.85
C GLU A 36 3.03 -13.38 -16.98
N ASP A 37 2.20 -13.26 -15.94
CA ASP A 37 1.15 -12.22 -15.91
C ASP A 37 1.75 -10.82 -16.06
N ILE A 38 2.84 -10.58 -15.32
CA ILE A 38 3.54 -9.29 -15.36
C ILE A 38 4.13 -8.99 -16.75
N ALA A 39 4.69 -10.00 -17.40
CA ALA A 39 5.27 -9.83 -18.74
C ALA A 39 4.23 -9.48 -19.80
N LYS A 40 3.05 -10.10 -19.70
CA LYS A 40 1.96 -9.86 -20.65
C LYS A 40 1.35 -8.47 -20.49
N ARG A 41 1.33 -7.98 -19.26
CA ARG A 41 0.61 -6.78 -18.90
C ARG A 41 1.46 -5.89 -18.00
N PRO A 42 2.59 -5.40 -18.56
CA PRO A 42 3.60 -4.75 -17.72
C PRO A 42 3.21 -3.36 -17.24
N PRO A 43 3.52 -3.05 -15.97
CA PRO A 43 3.30 -1.71 -15.44
C PRO A 43 4.40 -0.75 -15.91
N SER A 44 4.07 0.54 -15.94
CA SER A 44 5.05 1.60 -16.14
C SER A 44 6.27 1.39 -15.25
N ASN A 45 6.04 1.39 -13.94
CA ASN A 45 7.10 1.41 -12.95
C ASN A 45 6.65 0.86 -11.60
N ASP A 46 5.69 1.55 -10.95
CA ASP A 46 5.19 1.11 -9.65
C ASP A 46 4.30 -0.10 -9.88
N LEU A 47 4.52 -1.17 -9.09
CA LEU A 47 3.76 -2.42 -9.25
C LEU A 47 2.27 -2.33 -8.87
N SER A 48 1.87 -1.24 -8.21
CA SER A 48 0.46 -0.97 -7.93
C SER A 48 -0.43 -1.01 -9.16
N GLN A 49 0.13 -0.60 -10.30
CA GLN A 49 -0.59 -0.63 -11.58
C GLN A 49 -1.13 -2.02 -11.96
N ILE A 50 -0.35 -3.07 -11.67
CA ILE A 50 -0.81 -4.46 -11.92
C ILE A 50 -1.50 -5.12 -10.71
N ILE A 51 -1.05 -4.80 -9.48
CA ILE A 51 -1.69 -5.31 -8.26
C ILE A 51 -3.16 -4.90 -8.18
N ARG A 52 -3.44 -3.64 -8.52
CA ARG A 52 -4.80 -3.08 -8.42
C ARG A 52 -5.91 -3.80 -9.19
N THR A 53 -5.54 -4.63 -10.16
CA THR A 53 -6.51 -5.35 -10.99
C THR A 53 -6.98 -6.69 -10.40
N MET A 54 -6.47 -7.05 -9.22
CA MET A 54 -6.97 -8.21 -8.48
C MET A 54 -8.32 -7.86 -7.87
N PRO A 55 -9.18 -8.87 -7.63
CA PRO A 55 -10.44 -8.61 -6.95
C PRO A 55 -10.21 -8.17 -5.50
N GLY A 56 -11.06 -7.27 -5.01
CA GLY A 56 -10.92 -6.75 -3.64
C GLY A 56 -9.75 -5.81 -3.43
N VAL A 57 -9.21 -5.27 -4.52
CA VAL A 57 -8.05 -4.37 -4.46
C VAL A 57 -8.35 -3.08 -5.22
N ASN A 58 -8.04 -1.95 -4.58
CA ASN A 58 -8.25 -0.61 -5.14
C ASN A 58 -6.94 0.18 -5.18
N LEU A 59 -6.87 1.12 -6.11
CA LEU A 59 -5.77 2.08 -6.19
C LEU A 59 -6.32 3.41 -5.68
N THR A 60 -5.95 3.76 -4.45
CA THR A 60 -6.66 4.75 -3.64
C THR A 60 -5.66 5.73 -3.01
N GLY A 61 -6.09 6.98 -2.81
CA GLY A 61 -5.34 7.93 -1.99
C GLY A 61 -5.23 7.47 -0.53
N ASN A 62 -4.22 7.97 0.18
CA ASN A 62 -3.99 7.60 1.59
C ASN A 62 -5.07 8.19 2.50
N SER A 63 -5.68 9.30 2.08
CA SER A 63 -6.58 10.07 2.94
C SER A 63 -7.90 10.41 2.27
N SER A 64 -8.97 10.31 3.05
CA SER A 64 -10.31 10.75 2.61
C SER A 64 -10.43 12.24 2.32
N SER A 65 -9.50 13.06 2.83
CA SER A 65 -9.49 14.49 2.52
C SER A 65 -9.20 14.78 1.05
N GLY A 66 -8.48 13.86 0.38
CA GLY A 66 -7.99 14.08 -0.98
C GLY A 66 -6.61 14.72 -1.01
N GLN A 67 -6.06 15.04 0.17
CA GLN A 67 -4.72 15.60 0.27
C GLN A 67 -3.71 14.58 -0.22
N ARG A 68 -2.74 15.07 -1.00
CA ARG A 68 -1.80 14.22 -1.74
C ARG A 68 -2.52 13.12 -2.52
N GLY A 69 -3.64 13.50 -3.15
CA GLY A 69 -4.60 12.57 -3.72
C GLY A 69 -4.19 11.84 -4.98
N ASN A 70 -3.17 12.34 -5.68
CA ASN A 70 -2.62 11.61 -6.83
C ASN A 70 -1.61 10.54 -6.44
N ASN A 71 -1.18 10.52 -5.18
CA ASN A 71 -0.24 9.49 -4.70
C ASN A 71 -1.00 8.24 -4.28
N ARG A 72 -1.62 7.59 -5.25
CA ARG A 72 -2.49 6.46 -4.98
C ARG A 72 -1.70 5.19 -4.76
N GLN A 73 -2.26 4.34 -3.90
CA GLN A 73 -1.58 3.14 -3.40
C GLN A 73 -2.57 1.99 -3.30
N ILE A 74 -2.02 0.80 -3.06
CA ILE A 74 -2.83 -0.40 -2.94
C ILE A 74 -3.65 -0.38 -1.65
N ASP A 75 -4.97 -0.47 -1.84
CA ASP A 75 -6.00 -0.45 -0.80
C ASP A 75 -6.72 -1.79 -0.91
N ILE A 76 -6.83 -2.53 0.19
CA ILE A 76 -7.49 -3.84 0.16
C ILE A 76 -8.85 -3.83 0.85
N ARG A 77 -9.87 -4.16 0.07
CA ARG A 77 -11.27 -4.20 0.52
C ARG A 77 -11.76 -2.92 1.22
N GLY A 78 -11.26 -1.78 0.75
CA GLY A 78 -11.69 -0.46 1.24
C GLY A 78 -11.24 -0.15 2.64
N MET A 79 -10.16 -0.78 3.09
CA MET A 79 -9.61 -0.56 4.43
C MET A 79 -8.62 0.61 4.48
N GLY A 80 -8.18 1.06 3.31
CA GLY A 80 -7.25 2.20 3.19
C GLY A 80 -5.82 1.71 3.05
N PRO A 81 -4.99 2.42 2.25
CA PRO A 81 -3.60 1.93 2.01
C PRO A 81 -2.67 1.81 3.23
N GLU A 82 -2.99 2.50 4.32
CA GLU A 82 -2.30 2.34 5.59
C GLU A 82 -2.36 0.90 6.13
N ASN A 83 -3.47 0.23 5.82
CA ASN A 83 -3.72 -1.13 6.28
C ASN A 83 -3.32 -2.21 5.27
N THR A 84 -2.54 -1.84 4.26
CA THR A 84 -1.93 -2.79 3.36
C THR A 84 -0.46 -2.96 3.78
N LEU A 85 -0.15 -4.12 4.36
CA LEU A 85 1.22 -4.48 4.69
C LEU A 85 1.94 -4.99 3.45
N ILE A 86 3.04 -4.33 3.09
CA ILE A 86 3.85 -4.72 1.92
C ILE A 86 5.07 -5.52 2.36
N LEU A 87 5.26 -6.70 1.76
CA LEU A 87 6.44 -7.54 1.98
C LEU A 87 7.26 -7.66 0.70
N VAL A 88 8.56 -7.83 0.84
CA VAL A 88 9.44 -8.31 -0.23
C VAL A 88 10.11 -9.58 0.25
N ASP A 89 9.91 -10.68 -0.47
CA ASP A 89 10.41 -12.01 -0.07
C ASP A 89 10.14 -12.31 1.41
N GLY A 90 8.90 -12.06 1.81
CA GLY A 90 8.44 -12.31 3.17
C GLY A 90 8.87 -11.32 4.24
N LYS A 91 9.64 -10.29 3.89
CA LYS A 91 10.20 -9.35 4.86
C LYS A 91 9.58 -7.96 4.72
N PRO A 92 9.09 -7.38 5.84
CA PRO A 92 8.32 -6.14 5.77
C PRO A 92 9.04 -4.92 5.22
N VAL A 93 8.28 -4.10 4.50
CA VAL A 93 8.70 -2.78 4.06
C VAL A 93 7.91 -1.79 4.90
N SER A 94 8.62 -0.94 5.65
CA SER A 94 8.01 0.12 6.49
C SER A 94 8.43 1.55 6.06
N SER A 95 9.09 1.68 4.92
CA SER A 95 9.70 2.95 4.48
C SER A 95 8.79 4.18 4.45
N ARG A 96 7.52 4.02 4.08
CA ARG A 96 6.59 5.17 4.09
C ARG A 96 6.27 5.73 5.48
N ASN A 97 6.62 4.99 6.55
CA ASN A 97 6.52 5.52 7.92
C ASN A 97 7.57 6.57 8.28
N SER A 98 8.50 6.85 7.35
CA SER A 98 9.44 7.99 7.47
C SER A 98 8.85 9.33 7.01
N VAL A 99 7.66 9.28 6.40
CA VAL A 99 6.95 10.47 5.91
C VAL A 99 5.82 10.82 6.87
N ARG A 100 5.81 12.07 7.35
CA ARG A 100 4.85 12.51 8.36
C ARG A 100 3.42 12.15 8.03
N TYR A 101 2.71 11.65 9.04
CA TYR A 101 1.28 11.40 8.99
C TYR A 101 0.63 12.66 9.51
N GLY A 102 -0.24 13.27 8.70
CA GLY A 102 -0.88 14.52 9.06
C GLY A 102 -2.22 14.34 9.75
N TRP A 103 -2.89 15.47 10.00
CA TRP A 103 -4.20 15.56 10.69
C TRP A 103 -5.27 14.63 10.09
N ARG A 104 -5.28 14.50 8.77
CA ARG A 104 -6.30 13.76 8.03
C ARG A 104 -5.80 12.38 7.60
N GLY A 105 -4.75 11.89 8.25
CA GLY A 105 -4.04 10.71 7.80
C GLY A 105 -3.37 10.80 6.44
N GLU A 106 -3.16 12.03 5.95
CA GLU A 106 -2.46 12.23 4.68
C GLU A 106 -0.97 12.05 4.91
N ARG A 107 -0.29 11.48 3.93
CA ARG A 107 1.16 11.45 3.89
C ARG A 107 1.59 11.84 2.48
N ASP A 108 2.66 12.61 2.38
CA ASP A 108 3.24 12.97 1.10
C ASP A 108 4.16 11.84 0.62
N SER A 109 3.54 10.70 0.33
CA SER A 109 4.26 9.46 0.10
C SER A 109 3.57 8.66 -0.99
N ARG A 110 4.38 8.06 -1.85
CA ARG A 110 3.89 7.25 -2.96
C ARG A 110 3.63 5.80 -2.58
N GLY A 111 3.94 5.42 -1.35
CA GLY A 111 3.76 4.04 -0.92
C GLY A 111 4.99 3.19 -1.09
N ASP A 112 4.82 1.88 -0.94
CA ASP A 112 5.92 0.94 -0.82
C ASP A 112 5.86 -0.20 -1.82
N THR A 113 5.22 0.03 -2.97
CA THR A 113 5.16 -0.95 -4.04
C THR A 113 6.11 -0.62 -5.20
N ASN A 114 6.97 0.39 -5.03
CA ASN A 114 7.91 0.85 -6.08
C ASN A 114 9.35 0.39 -5.82
N TRP A 115 9.54 -0.52 -4.88
CA TRP A 115 10.89 -0.87 -4.41
C TRP A 115 11.57 -1.97 -5.23
N VAL A 116 10.78 -2.75 -5.97
CA VAL A 116 11.29 -3.86 -6.77
C VAL A 116 10.91 -3.66 -8.23
N PRO A 117 11.89 -3.76 -9.15
CA PRO A 117 11.56 -3.65 -10.58
C PRO A 117 10.72 -4.83 -11.05
N ALA A 118 9.70 -4.52 -11.86
CA ALA A 118 8.70 -5.51 -12.28
C ALA A 118 9.26 -6.75 -12.93
N ASP A 119 10.30 -6.59 -13.74
CA ASP A 119 10.86 -7.70 -14.51
C ASP A 119 11.84 -8.59 -13.73
N GLN A 120 12.08 -8.29 -12.45
CA GLN A 120 12.81 -9.19 -11.56
C GLN A 120 11.90 -9.77 -10.48
N VAL A 121 10.59 -9.75 -10.72
CA VAL A 121 9.60 -10.33 -9.82
C VAL A 121 9.17 -11.70 -10.32
N GLU A 122 9.21 -12.69 -9.44
CA GLU A 122 8.78 -14.06 -9.73
C GLU A 122 7.28 -14.17 -9.62
N ARG A 123 6.74 -13.65 -8.52
CA ARG A 123 5.29 -13.55 -8.35
C ARG A 123 4.91 -12.55 -7.25
N ILE A 124 3.61 -12.27 -7.16
CA ILE A 124 3.07 -11.40 -6.11
C ILE A 124 1.88 -12.12 -5.45
N GLU A 125 1.94 -12.23 -4.12
CA GLU A 125 0.87 -12.84 -3.35
C GLU A 125 0.05 -11.73 -2.72
N VAL A 126 -1.22 -11.66 -3.08
CA VAL A 126 -2.14 -10.65 -2.55
C VAL A 126 -3.12 -11.36 -1.64
N ILE A 127 -2.94 -11.18 -0.34
CA ILE A 127 -3.72 -11.86 0.69
C ILE A 127 -4.65 -10.84 1.35
N ARG A 128 -5.96 -11.04 1.17
CA ARG A 128 -6.97 -10.10 1.60
C ARG A 128 -7.83 -10.71 2.70
N GLY A 129 -8.03 -9.94 3.76
CA GLY A 129 -9.01 -10.27 4.80
C GLY A 129 -8.50 -11.27 5.83
N PRO A 130 -9.23 -12.40 6.02
CA PRO A 130 -8.96 -13.26 7.19
C PRO A 130 -7.67 -14.10 7.11
N ALA A 131 -7.30 -14.55 5.91
CA ALA A 131 -6.02 -15.24 5.69
C ALA A 131 -4.77 -14.34 5.87
N ALA A 132 -4.97 -13.02 5.90
CA ALA A 132 -3.88 -12.05 6.11
C ALA A 132 -3.55 -11.78 7.58
N ALA A 133 -4.55 -11.89 8.46
CA ALA A 133 -4.38 -11.54 9.89
C ALA A 133 -3.12 -12.11 10.53
N ARG A 134 -2.79 -13.36 10.19
CA ARG A 134 -1.60 -14.06 10.72
C ARG A 134 -0.29 -13.29 10.59
N TYR A 135 -0.19 -12.47 9.55
CA TYR A 135 1.01 -11.70 9.28
C TYR A 135 1.20 -10.53 10.26
N GLY A 136 0.21 -10.30 11.12
CA GLY A 136 0.39 -9.51 12.32
C GLY A 136 0.21 -8.03 12.06
N ASN A 137 1.02 -7.21 12.74
CA ASN A 137 0.89 -5.75 12.72
C ASN A 137 0.85 -5.21 11.30
N GLY A 138 -0.27 -4.56 10.96
CA GLY A 138 -0.46 -3.92 9.66
C GLY A 138 -1.29 -4.67 8.63
N ALA A 139 -1.71 -5.90 8.96
CA ALA A 139 -2.42 -6.76 8.01
C ALA A 139 -3.95 -6.74 8.15
N ALA A 140 -4.49 -5.63 8.66
CA ALA A 140 -5.94 -5.48 8.82
C ALA A 140 -6.67 -5.35 7.48
N GLY A 141 -6.00 -4.72 6.51
CA GLY A 141 -6.52 -4.62 5.14
C GLY A 141 -6.09 -5.86 4.42
N GLY A 142 -4.79 -6.10 4.42
CA GLY A 142 -4.24 -7.36 3.95
C GLY A 142 -2.74 -7.32 3.78
N VAL A 143 -2.23 -8.23 2.96
CA VAL A 143 -0.80 -8.32 2.67
C VAL A 143 -0.52 -8.41 1.17
N VAL A 144 0.52 -7.71 0.74
CA VAL A 144 1.04 -7.76 -0.62
C VAL A 144 2.49 -8.21 -0.54
N ASN A 145 2.77 -9.46 -0.91
CA ASN A 145 4.11 -10.02 -0.81
C ASN A 145 4.75 -10.20 -2.18
N ILE A 146 5.75 -9.37 -2.45
CA ILE A 146 6.45 -9.34 -3.73
C ILE A 146 7.63 -10.29 -3.62
N ILE A 147 7.64 -11.30 -4.47
CA ILE A 147 8.65 -12.35 -4.41
C ILE A 147 9.57 -12.19 -5.62
N THR A 148 10.87 -12.07 -5.35
CA THR A 148 11.88 -11.93 -6.39
C THR A 148 12.22 -13.27 -7.00
N LYS A 149 12.69 -13.22 -8.24
CA LYS A 149 13.21 -14.39 -8.93
C LYS A 149 14.53 -14.77 -8.26
N GLN A 150 14.69 -16.05 -7.96
CA GLN A 150 15.83 -16.56 -7.22
C GLN A 150 16.70 -17.46 -8.12
N ALA A 151 17.90 -17.78 -7.63
CA ALA A 151 18.86 -18.59 -8.37
C ALA A 151 18.39 -20.03 -8.54
N GLY A 152 18.91 -20.68 -9.59
CA GLY A 152 18.72 -22.11 -9.82
C GLY A 152 20.06 -22.83 -9.78
N ALA A 153 20.17 -23.94 -10.50
CA ALA A 153 21.39 -24.78 -10.53
C ALA A 153 22.35 -24.45 -11.68
N GLU A 154 21.81 -24.01 -12.82
CA GLU A 154 22.61 -23.40 -13.90
C GLU A 154 22.64 -21.90 -13.65
N THR A 155 23.66 -21.22 -14.22
CA THR A 155 23.67 -19.76 -14.21
C THR A 155 22.66 -19.25 -15.22
N HIS A 156 21.72 -18.44 -14.73
CA HIS A 156 20.70 -17.82 -15.56
C HIS A 156 20.76 -16.32 -15.34
N GLY A 157 20.12 -15.59 -16.25
CA GLY A 157 20.17 -14.13 -16.21
C GLY A 157 19.23 -13.52 -17.22
N ASN A 158 19.07 -12.20 -17.12
CA ASN A 158 18.26 -11.48 -18.08
C ASN A 158 18.54 -9.99 -18.11
N LEU A 159 17.99 -9.37 -19.15
CA LEU A 159 18.09 -7.94 -19.41
C LEU A 159 16.74 -7.51 -19.97
N SER A 160 16.05 -6.63 -19.24
CA SER A 160 14.66 -6.29 -19.53
C SER A 160 14.52 -4.78 -19.69
N VAL A 161 13.96 -4.35 -20.82
CA VAL A 161 13.72 -2.92 -21.09
C VAL A 161 12.24 -2.70 -21.32
N TYR A 162 11.75 -1.55 -20.85
CA TYR A 162 10.38 -1.10 -21.11
C TYR A 162 10.40 0.40 -21.34
N SER A 163 9.50 0.86 -22.21
CA SER A 163 9.32 2.27 -22.48
C SER A 163 7.86 2.52 -22.88
N ASN A 164 7.27 3.61 -22.41
CA ASN A 164 5.90 3.99 -22.83
C ASN A 164 5.79 5.41 -23.41
N PHE A 165 4.64 5.65 -24.03
CA PHE A 165 4.42 6.78 -24.94
C PHE A 165 3.00 7.32 -24.76
N PRO A 166 2.82 8.27 -23.81
CA PRO A 166 1.50 8.92 -23.65
C PRO A 166 1.02 9.62 -24.91
N GLN A 167 -0.26 9.48 -25.21
CA GLN A 167 -0.90 10.20 -26.30
C GLN A 167 -0.76 11.72 -26.11
N HIS A 168 -0.97 12.19 -24.89
CA HIS A 168 -0.95 13.61 -24.58
C HIS A 168 0.35 13.92 -23.86
N LYS A 169 1.12 14.87 -24.40
CA LYS A 169 2.50 15.11 -23.97
C LYS A 169 2.61 15.70 -22.56
N ALA A 170 1.53 16.33 -22.10
CA ALA A 170 1.39 16.77 -20.70
C ALA A 170 1.45 15.63 -19.66
N GLU A 171 1.24 14.39 -20.08
CA GLU A 171 1.30 13.24 -19.18
C GLU A 171 2.66 12.56 -19.21
N GLY A 172 3.06 12.02 -18.06
CA GLY A 172 4.42 11.54 -17.85
C GLY A 172 4.73 10.20 -18.49
N ALA A 173 5.78 10.18 -19.32
CA ALA A 173 6.28 8.96 -19.93
C ALA A 173 7.15 8.22 -18.93
N SER A 174 7.28 6.91 -19.09
CA SER A 174 8.12 6.10 -18.23
C SER A 174 9.08 5.28 -19.07
N GLU A 175 10.31 5.14 -18.61
CA GLU A 175 11.26 4.20 -19.19
C GLU A 175 11.95 3.47 -18.06
N ARG A 176 12.47 2.30 -18.38
CA ARG A 176 12.93 1.36 -17.38
C ARG A 176 13.85 0.34 -18.02
N MET A 177 14.98 0.11 -17.36
CA MET A 177 15.91 -0.93 -17.76
C MET A 177 16.32 -1.65 -16.48
N SER A 178 16.24 -2.98 -16.50
CA SER A 178 16.69 -3.80 -15.38
C SER A 178 17.41 -5.02 -15.89
N PHE A 179 18.12 -5.68 -14.99
CA PHE A 179 18.83 -6.92 -15.31
C PHE A 179 18.87 -7.83 -14.10
N GLY A 180 18.92 -9.15 -14.37
CA GLY A 180 19.18 -10.14 -13.36
C GLY A 180 20.40 -10.98 -13.73
N LEU A 181 21.06 -11.52 -12.71
CA LEU A 181 22.10 -12.52 -12.92
C LEU A 181 22.24 -13.35 -11.65
N ASN A 182 22.27 -14.66 -11.82
CA ASN A 182 22.24 -15.62 -10.71
C ASN A 182 22.74 -16.98 -11.15
N GLY A 183 22.95 -17.87 -10.18
CA GLY A 183 23.47 -19.23 -10.43
C GLY A 183 24.68 -19.55 -9.56
N PRO A 184 25.18 -20.79 -9.65
CA PRO A 184 26.26 -21.22 -8.73
C PRO A 184 27.62 -20.58 -9.02
N LEU A 185 28.24 -20.01 -7.98
CA LEU A 185 29.64 -19.54 -8.04
C LEU A 185 30.58 -20.72 -7.82
N THR A 186 30.51 -21.31 -6.63
CA THR A 186 31.32 -22.49 -6.27
C THR A 186 30.39 -23.70 -6.04
N GLU A 187 30.79 -24.58 -5.12
CA GLU A 187 30.12 -25.87 -4.92
C GLU A 187 28.93 -25.63 -3.98
N ASN A 188 29.21 -24.89 -2.90
CA ASN A 188 28.25 -24.56 -1.85
C ASN A 188 27.65 -23.17 -2.02
N LEU A 189 28.13 -22.42 -3.01
CA LEU A 189 27.92 -20.96 -3.08
C LEU A 189 27.22 -20.54 -4.37
N SER A 190 26.13 -19.77 -4.22
CA SER A 190 25.37 -19.24 -5.35
C SER A 190 24.95 -17.80 -5.06
N TYR A 191 24.73 -17.05 -6.14
CA TYR A 191 24.41 -15.62 -6.04
C TYR A 191 23.08 -15.33 -6.72
N ARG A 192 22.50 -14.19 -6.40
CA ARG A 192 21.47 -13.58 -7.23
C ARG A 192 21.57 -12.08 -7.08
N VAL A 193 21.73 -11.38 -8.21
CA VAL A 193 21.80 -9.93 -8.22
C VAL A 193 20.79 -9.38 -9.22
N TYR A 194 20.19 -8.24 -8.89
CA TYR A 194 19.46 -7.45 -9.86
C TYR A 194 19.79 -5.97 -9.70
N GLY A 195 19.71 -5.26 -10.81
CA GLY A 195 19.90 -3.81 -10.84
C GLY A 195 18.82 -3.22 -11.72
N ASN A 196 18.50 -1.94 -11.51
CA ASN A 196 17.37 -1.33 -12.20
C ASN A 196 17.46 0.20 -12.21
N ILE A 197 17.20 0.78 -13.37
CA ILE A 197 17.21 2.23 -13.60
C ILE A 197 15.90 2.59 -14.25
N ALA A 198 15.17 3.51 -13.64
CA ALA A 198 13.83 3.84 -14.08
C ALA A 198 13.52 5.31 -13.92
N LYS A 199 12.62 5.79 -14.77
CA LYS A 199 12.10 7.14 -14.68
C LYS A 199 10.64 7.13 -15.12
N THR A 200 9.75 7.50 -14.20
CA THR A 200 8.40 7.94 -14.55
C THR A 200 8.48 9.46 -14.46
N ASP A 201 8.32 10.13 -15.59
CA ASP A 201 8.32 11.59 -15.61
C ASP A 201 7.05 12.08 -14.92
N SER A 202 7.10 13.30 -14.40
CA SER A 202 5.91 13.94 -13.81
C SER A 202 4.99 14.38 -14.94
N ASP A 203 3.70 14.52 -14.64
CA ASP A 203 2.80 15.25 -15.53
C ASP A 203 3.19 16.72 -15.45
N ASP A 204 2.83 17.48 -16.49
CA ASP A 204 3.18 18.90 -16.57
C ASP A 204 2.39 19.70 -15.53
N TRP A 205 3.01 20.78 -15.04
CA TRP A 205 2.41 21.65 -14.02
C TRP A 205 0.95 22.04 -14.30
N ASP A 206 0.62 22.29 -15.57
CA ASP A 206 -0.71 22.79 -15.95
C ASP A 206 -1.68 21.73 -16.46
N ILE A 207 -1.34 20.45 -16.32
CA ILE A 207 -2.23 19.36 -16.78
C ILE A 207 -3.71 19.55 -16.40
N ASN A 208 -3.96 20.01 -15.17
CA ASN A 208 -5.32 20.16 -14.65
C ASN A 208 -5.96 21.54 -14.86
N ALA A 209 -5.27 22.43 -15.58
CA ALA A 209 -5.82 23.75 -15.90
C ALA A 209 -7.00 23.58 -16.85
N GLY A 210 -8.10 24.25 -16.51
CA GLY A 210 -9.40 24.01 -17.15
C GLY A 210 -10.31 23.09 -16.35
N HIS A 211 -9.73 22.30 -15.44
CA HIS A 211 -10.47 21.31 -14.67
C HIS A 211 -10.50 21.60 -13.16
N GLU A 212 -9.84 22.68 -12.74
CA GLU A 212 -9.64 22.96 -11.31
C GLU A 212 -10.91 23.44 -10.62
N SER A 213 -10.94 23.25 -9.30
CA SER A 213 -11.99 23.80 -8.47
C SER A 213 -11.96 25.33 -8.53
N ASN A 214 -13.10 25.96 -8.28
CA ASN A 214 -13.21 27.41 -8.40
C ASN A 214 -12.30 28.13 -7.37
N ARG A 215 -11.42 29.02 -7.85
CA ARG A 215 -10.36 29.64 -7.03
C ARG A 215 -10.39 31.17 -7.10
N THR A 216 -10.54 31.81 -5.93
CA THR A 216 -10.81 33.25 -5.85
C THR A 216 -9.75 34.02 -5.07
N GLY A 217 -9.69 35.33 -5.31
CA GLY A 217 -8.85 36.26 -4.54
C GLY A 217 -7.35 36.02 -4.62
N LYS A 218 -6.73 35.82 -3.46
CA LYS A 218 -5.30 35.49 -3.36
C LYS A 218 -4.95 34.20 -4.12
N GLN A 219 -5.89 33.26 -4.13
CA GLN A 219 -5.66 31.92 -4.69
C GLN A 219 -5.99 31.78 -6.19
N ALA A 220 -6.45 32.86 -6.83
CA ALA A 220 -6.72 32.86 -8.27
C ALA A 220 -5.46 32.45 -9.04
N GLY A 221 -5.63 31.53 -9.99
CA GLY A 221 -4.51 31.02 -10.79
C GLY A 221 -3.86 29.76 -10.27
N THR A 222 -4.24 29.29 -9.07
CA THR A 222 -3.67 28.06 -8.52
C THR A 222 -4.17 26.84 -9.28
N LEU A 223 -3.43 25.76 -9.14
CA LEU A 223 -3.76 24.50 -9.78
C LEU A 223 -3.53 23.33 -8.83
N PRO A 224 -4.45 22.37 -8.83
CA PRO A 224 -4.17 21.07 -8.22
C PRO A 224 -3.24 20.28 -9.13
N ALA A 225 -2.28 19.59 -8.53
CA ALA A 225 -1.18 19.00 -9.29
C ALA A 225 -1.54 17.68 -9.96
N GLY A 226 -0.86 17.37 -11.06
CA GLY A 226 -0.94 16.05 -11.68
C GLY A 226 -0.08 15.06 -10.92
N ARG A 227 0.26 13.95 -11.55
CA ARG A 227 1.07 12.91 -10.90
C ARG A 227 2.52 13.37 -10.76
N GLU A 228 3.08 13.11 -9.58
CA GLU A 228 4.50 13.36 -9.27
C GLU A 228 5.37 12.33 -10.01
N GLY A 229 6.48 12.77 -10.58
CA GLY A 229 7.41 11.86 -11.25
C GLY A 229 8.31 11.14 -10.27
N VAL A 230 9.05 10.14 -10.73
CA VAL A 230 9.95 9.38 -9.89
C VAL A 230 11.17 8.90 -10.69
N ARG A 231 12.33 8.89 -10.05
CA ARG A 231 13.56 8.32 -10.63
C ARG A 231 14.07 7.23 -9.71
N ASN A 232 14.15 5.99 -10.21
CA ASN A 232 14.59 4.86 -9.39
C ASN A 232 16.00 4.41 -9.76
N LYS A 233 16.81 4.14 -8.73
CA LYS A 233 18.03 3.35 -8.86
C LYS A 233 17.91 2.25 -7.82
N ASP A 234 17.89 1.00 -8.27
CA ASP A 234 17.76 -0.15 -7.38
C ASP A 234 18.87 -1.15 -7.68
N ILE A 235 19.48 -1.70 -6.63
CA ILE A 235 20.39 -2.84 -6.77
C ILE A 235 20.27 -3.75 -5.56
N ASP A 236 20.29 -5.06 -5.82
CA ASP A 236 20.27 -6.08 -4.77
C ASP A 236 21.34 -7.10 -5.06
N GLY A 237 21.87 -7.69 -3.99
CA GLY A 237 22.81 -8.79 -4.08
C GLY A 237 22.47 -9.79 -3.00
N LEU A 238 22.34 -11.05 -3.39
CA LEU A 238 22.06 -12.14 -2.47
C LEU A 238 23.10 -13.22 -2.69
N LEU A 239 23.70 -13.71 -1.61
CA LEU A 239 24.54 -14.88 -1.67
C LEU A 239 23.90 -15.99 -0.85
N SER A 240 23.86 -17.18 -1.42
CA SER A 240 23.23 -18.34 -0.81
C SER A 240 24.29 -19.41 -0.63
N TRP A 241 24.48 -19.83 0.62
CA TRP A 241 25.58 -20.70 1.03
C TRP A 241 24.92 -21.98 1.58
N ARG A 242 25.12 -23.10 0.89
CA ARG A 242 24.67 -24.41 1.40
C ARG A 242 25.73 -24.93 2.36
N LEU A 243 25.49 -24.72 3.65
CA LEU A 243 26.44 -25.12 4.69
C LEU A 243 26.46 -26.63 4.89
N THR A 244 25.28 -27.25 4.88
CA THR A 244 25.15 -28.71 4.91
C THR A 244 24.01 -29.15 4.00
N PRO A 245 23.76 -30.48 3.91
CA PRO A 245 22.52 -30.95 3.29
C PRO A 245 21.20 -30.47 3.94
N GLU A 246 21.25 -29.98 5.18
CA GLU A 246 20.05 -29.53 5.90
C GLU A 246 20.00 -28.03 6.17
N GLN A 247 21.07 -27.28 5.87
CA GLN A 247 21.17 -25.85 6.22
C GLN A 247 21.63 -24.97 5.05
N THR A 248 20.80 -23.98 4.71
CA THR A 248 21.13 -22.93 3.74
C THR A 248 21.14 -21.60 4.48
N LEU A 249 22.17 -20.79 4.24
CA LEU A 249 22.28 -19.45 4.83
C LEU A 249 22.39 -18.41 3.72
N GLU A 250 21.51 -17.43 3.76
CA GLU A 250 21.39 -16.40 2.73
C GLU A 250 21.75 -15.06 3.31
N PHE A 251 22.57 -14.30 2.59
CA PHE A 251 22.91 -12.94 2.96
C PHE A 251 22.44 -12.08 1.79
N GLU A 252 21.75 -10.99 2.10
CA GLU A 252 21.18 -10.09 1.09
C GLU A 252 21.26 -8.63 1.49
N ALA A 253 21.74 -7.79 0.57
CA ALA A 253 21.77 -6.34 0.75
C ALA A 253 20.99 -5.72 -0.40
N GLY A 254 20.31 -4.61 -0.12
CA GLY A 254 19.56 -3.88 -1.15
C GLY A 254 19.72 -2.39 -0.94
N PHE A 255 19.93 -1.65 -2.04
CA PHE A 255 20.06 -0.20 -2.03
C PHE A 255 19.12 0.36 -3.07
N SER A 256 18.12 1.14 -2.64
CA SER A 256 17.21 1.79 -3.58
C SER A 256 17.10 3.28 -3.31
N ARG A 257 17.16 4.07 -4.38
CA ARG A 257 17.07 5.52 -4.33
C ARG A 257 15.91 5.95 -5.20
N GLN A 258 15.01 6.76 -4.64
CA GLN A 258 13.90 7.33 -5.40
C GLN A 258 13.90 8.83 -5.19
N GLY A 259 14.11 9.56 -6.28
CA GLY A 259 13.97 11.01 -6.28
C GLY A 259 12.72 11.35 -7.05
N ASN A 260 12.00 12.37 -6.59
CA ASN A 260 10.80 12.82 -7.29
C ASN A 260 11.13 13.79 -8.42
N ILE A 261 10.10 14.07 -9.22
CA ILE A 261 10.10 15.20 -10.14
C ILE A 261 8.84 15.95 -9.76
N TYR A 262 9.02 17.14 -9.18
CA TYR A 262 7.95 17.88 -8.53
C TYR A 262 7.14 18.62 -9.59
N THR A 263 5.82 18.57 -9.48
CA THR A 263 4.96 19.19 -10.48
C THR A 263 3.86 20.03 -9.80
N GLY A 264 4.26 20.77 -8.77
CA GLY A 264 3.39 21.73 -8.09
C GLY A 264 2.51 21.22 -6.95
N ASP A 265 2.72 19.97 -6.50
CA ASP A 265 1.86 19.40 -5.46
C ASP A 265 2.05 20.15 -4.16
N THR A 266 0.95 20.57 -3.55
CA THR A 266 0.96 21.09 -2.19
C THR A 266 -0.29 20.53 -1.54
N GLN A 267 -0.32 20.60 -0.22
CA GLN A 267 -1.42 20.04 0.55
C GLN A 267 -2.78 20.54 0.06
N ASN A 268 -2.96 21.85 0.14
CA ASN A 268 -4.25 22.49 -0.15
C ASN A 268 -4.33 23.11 -1.55
N THR A 269 -3.35 22.80 -2.41
CA THR A 269 -3.35 23.22 -3.82
C THR A 269 -3.12 24.73 -4.02
N ASN A 270 -2.73 25.42 -2.95
CA ASN A 270 -2.19 26.78 -3.01
C ASN A 270 -0.76 26.75 -3.52
N SER A 271 -0.20 27.93 -3.77
CA SER A 271 1.18 28.06 -4.26
C SER A 271 1.94 29.17 -3.55
N ASN A 272 3.26 29.11 -3.70
CA ASN A 272 4.13 30.28 -3.57
C ASN A 272 5.30 30.13 -4.54
N ASN A 273 6.14 31.15 -4.63
CA ASN A 273 7.19 31.22 -5.65
C ASN A 273 8.30 30.18 -5.43
N TYR A 274 8.46 29.72 -4.19
CA TYR A 274 9.32 28.59 -3.87
C TYR A 274 8.78 27.32 -4.54
N VAL A 275 7.46 27.15 -4.52
CA VAL A 275 6.80 26.07 -5.29
C VAL A 275 7.09 26.22 -6.78
N LYS A 276 6.75 27.39 -7.33
CA LYS A 276 6.90 27.65 -8.77
C LYS A 276 8.35 27.42 -9.23
N GLN A 277 9.27 27.89 -8.41
CA GLN A 277 10.72 27.70 -8.59
C GLN A 277 11.18 26.23 -8.61
N MET A 278 10.51 25.34 -7.86
CA MET A 278 10.91 23.93 -7.78
C MET A 278 10.16 23.00 -8.75
N LEU A 279 9.25 23.56 -9.57
CA LEU A 279 8.58 22.79 -10.62
C LEU A 279 9.64 22.14 -11.51
N GLY A 280 9.57 20.82 -11.62
CA GLY A 280 10.47 20.04 -12.45
C GLY A 280 11.72 19.53 -11.75
N HIS A 281 11.87 19.86 -10.47
CA HIS A 281 13.06 19.49 -9.71
C HIS A 281 12.79 18.38 -8.73
N GLU A 282 13.88 17.87 -8.17
CA GLU A 282 13.84 16.93 -7.07
C GLU A 282 13.54 17.72 -5.80
N THR A 283 12.43 17.41 -5.15
CA THR A 283 12.07 18.02 -3.85
C THR A 283 11.92 17.01 -2.72
N ASN A 284 11.94 15.72 -3.03
CA ASN A 284 12.04 14.69 -2.00
C ASN A 284 12.85 13.55 -2.54
N ARG A 285 13.69 12.97 -1.68
CA ARG A 285 14.40 11.76 -2.05
C ARG A 285 14.48 10.76 -0.90
N MET A 286 14.25 9.51 -1.28
CA MET A 286 14.10 8.39 -0.38
C MET A 286 15.26 7.44 -0.65
N TYR A 287 16.10 7.21 0.37
CA TYR A 287 17.07 6.11 0.33
C TYR A 287 16.53 4.98 1.20
N ARG A 288 16.40 3.80 0.62
CA ARG A 288 16.05 2.58 1.35
C ARG A 288 17.25 1.64 1.32
N GLU A 289 17.75 1.28 2.49
CA GLU A 289 18.78 0.26 2.60
C GLU A 289 18.24 -0.92 3.37
N THR A 290 18.46 -2.10 2.83
CA THR A 290 17.96 -3.34 3.41
C THR A 290 19.12 -4.32 3.56
N TYR A 291 19.27 -4.88 4.75
CA TYR A 291 20.22 -5.95 4.98
C TYR A 291 19.46 -7.07 5.68
N SER A 292 19.60 -8.30 5.16
CA SER A 292 18.97 -9.45 5.78
C SER A 292 19.86 -10.68 5.73
N VAL A 293 19.77 -11.48 6.79
CA VAL A 293 20.38 -12.79 6.86
C VAL A 293 19.28 -13.78 7.16
N THR A 294 19.27 -14.88 6.41
CA THR A 294 18.18 -15.84 6.42
C THR A 294 18.76 -17.22 6.53
N HIS A 295 18.25 -18.02 7.46
CA HIS A 295 18.68 -19.39 7.64
C HIS A 295 17.50 -20.29 7.33
N ARG A 296 17.71 -21.23 6.40
CA ARG A 296 16.71 -22.25 6.07
C ARG A 296 17.26 -23.62 6.38
N GLY A 297 16.44 -24.40 7.07
CA GLY A 297 16.77 -25.77 7.36
C GLY A 297 15.78 -26.78 6.80
N GLU A 298 16.31 -27.86 6.21
CA GLU A 298 15.53 -29.00 5.73
C GLU A 298 15.90 -30.22 6.57
N TRP A 299 15.02 -30.65 7.48
CA TRP A 299 15.38 -31.65 8.51
C TRP A 299 14.62 -32.97 8.41
N ASP A 300 15.06 -33.95 9.21
CA ASP A 300 14.43 -35.27 9.28
C ASP A 300 12.97 -35.22 9.78
N PHE A 301 12.68 -34.19 10.57
CA PHE A 301 11.41 -34.00 11.27
C PHE A 301 10.46 -32.99 10.61
N GLY A 302 11.02 -32.08 9.80
CA GLY A 302 10.24 -30.97 9.25
C GLY A 302 11.11 -29.85 8.71
N SER A 303 10.81 -28.62 9.12
CA SER A 303 11.39 -27.45 8.48
C SER A 303 11.67 -26.33 9.46
N SER A 304 12.62 -25.47 9.09
CA SER A 304 12.96 -24.28 9.87
C SER A 304 13.24 -23.06 8.98
N LEU A 305 12.83 -21.89 9.48
CA LEU A 305 13.10 -20.61 8.82
C LEU A 305 13.32 -19.58 9.92
N ALA A 306 14.42 -18.84 9.81
CA ALA A 306 14.69 -17.70 10.70
C ALA A 306 15.38 -16.60 9.93
N TYR A 307 14.98 -15.35 10.19
CA TYR A 307 15.61 -14.21 9.54
C TYR A 307 15.79 -13.00 10.43
N LEU A 308 16.78 -12.19 10.06
CA LEU A 308 16.97 -10.85 10.58
C LEU A 308 16.97 -9.90 9.40
N GLN A 309 16.15 -8.85 9.46
CA GLN A 309 16.20 -7.76 8.48
C GLN A 309 16.36 -6.42 9.18
N TYR A 310 17.30 -5.62 8.67
CA TYR A 310 17.44 -4.22 9.07
C TYR A 310 17.15 -3.34 7.86
N GLU A 311 16.14 -2.48 7.99
CA GLU A 311 15.75 -1.52 6.96
C GLU A 311 16.05 -0.12 7.46
N LYS A 312 16.89 0.60 6.72
CA LYS A 312 17.21 1.99 7.00
C LYS A 312 16.59 2.85 5.92
N THR A 313 15.67 3.73 6.30
CA THR A 313 15.01 4.62 5.36
C THR A 313 15.40 6.05 5.68
N ARG A 314 15.82 6.78 4.66
CA ARG A 314 16.10 8.20 4.80
C ARG A 314 15.20 8.99 3.87
N ASN A 315 14.47 9.92 4.46
CA ASN A 315 13.48 10.73 3.80
C ASN A 315 14.00 12.17 3.83
N SER A 316 14.64 12.61 2.75
CA SER A 316 15.15 13.98 2.63
C SER A 316 14.25 14.78 1.71
N ARG A 317 13.70 15.88 2.20
CA ARG A 317 12.84 16.74 1.39
C ARG A 317 12.93 18.17 1.82
N ILE A 318 12.38 19.05 0.99
CA ILE A 318 12.35 20.47 1.28
C ILE A 318 11.47 20.74 2.50
N ASN A 319 11.86 21.76 3.27
CA ASN A 319 11.18 22.11 4.51
C ASN A 319 9.79 22.67 4.19
N GLU A 320 8.78 22.19 4.91
CA GLU A 320 7.43 22.73 4.83
C GLU A 320 6.95 23.10 6.23
N GLY A 321 5.89 23.88 6.29
CA GLY A 321 5.24 24.20 7.56
C GLY A 321 4.14 23.22 7.93
N LEU A 322 3.79 23.24 9.22
CA LEU A 322 2.77 22.38 9.81
C LEU A 322 1.45 23.12 10.03
N ALA A 323 1.47 24.46 9.92
CA ALA A 323 0.32 25.30 10.23
C ALA A 323 0.45 26.74 9.70
N VAL A 324 -0.68 27.45 9.78
CA VAL A 324 -0.80 28.92 9.61
C VAL A 324 -0.45 29.50 8.23
N GLY A 325 -0.69 28.75 7.16
CA GLY A 325 -0.40 29.24 5.82
C GLY A 325 1.03 29.04 5.33
N THR A 326 1.89 28.44 6.16
CA THR A 326 3.04 27.67 5.68
C THR A 326 2.65 26.19 5.66
N GLU A 327 1.38 25.90 5.98
CA GLU A 327 0.83 24.55 6.06
C GLU A 327 0.97 23.78 4.75
N GLY A 328 1.75 22.68 4.80
CA GLY A 328 1.81 21.71 3.70
C GLY A 328 2.31 22.25 2.37
N ILE A 329 3.22 23.23 2.44
CA ILE A 329 3.81 23.88 1.27
C ILE A 329 5.25 24.23 1.61
N PHE A 330 6.10 24.40 0.59
CA PHE A 330 7.51 24.65 0.84
C PHE A 330 7.63 25.99 1.55
N ASP A 331 8.46 26.02 2.59
CA ASP A 331 8.57 27.17 3.50
C ASP A 331 9.59 28.18 2.95
N PRO A 332 9.12 29.34 2.41
CA PRO A 332 10.07 30.31 1.84
C PRO A 332 11.02 31.01 2.84
N ASN A 333 10.73 30.90 4.14
CA ASN A 333 11.54 31.51 5.20
C ASN A 333 12.60 30.55 5.74
N ASN A 334 12.52 29.28 5.34
CA ASN A 334 13.32 28.21 5.92
C ASN A 334 13.70 27.28 4.78
N ALA A 335 14.35 27.84 3.75
CA ALA A 335 14.67 27.07 2.55
C ALA A 335 15.73 26.01 2.86
N GLY A 336 15.73 24.95 2.07
CA GLY A 336 16.67 23.84 2.23
C GLY A 336 15.90 22.59 2.54
N PHE A 337 16.62 21.52 2.88
CA PHE A 337 16.01 20.22 3.18
C PHE A 337 16.26 19.77 4.63
N TYR A 338 15.32 18.97 5.15
CA TYR A 338 15.52 18.20 6.37
C TYR A 338 15.52 16.73 5.99
N THR A 339 15.96 15.89 6.92
CA THR A 339 15.98 14.46 6.72
C THR A 339 15.34 13.78 7.91
N ALA A 340 14.35 12.96 7.63
CA ALA A 340 13.77 12.05 8.61
C ALA A 340 14.38 10.68 8.38
N THR A 341 14.71 9.97 9.46
CA THR A 341 15.33 8.66 9.32
C THR A 341 14.55 7.62 10.12
N LEU A 342 14.30 6.49 9.46
CA LEU A 342 13.57 5.37 10.02
C LEU A 342 14.53 4.20 10.05
N ARG A 343 14.62 3.55 11.20
CA ARG A 343 15.44 2.36 11.34
C ARG A 343 14.51 1.27 11.86
N ASP A 344 14.33 0.25 11.03
CA ASP A 344 13.32 -0.78 11.25
C ASP A 344 14.04 -2.13 11.23
N LEU A 345 14.02 -2.80 12.38
CA LEU A 345 14.74 -4.05 12.60
C LEU A 345 13.67 -5.11 12.86
N THR A 346 13.70 -6.20 12.09
CA THR A 346 12.68 -7.25 12.16
C THR A 346 13.36 -8.61 12.27
N ALA A 347 13.06 -9.35 13.34
CA ALA A 347 13.63 -10.68 13.58
C ALA A 347 12.50 -11.69 13.68
N HIS A 348 12.70 -12.88 13.13
CA HIS A 348 11.64 -13.86 12.93
C HIS A 348 12.21 -15.26 13.00
N GLY A 349 11.50 -16.16 13.67
CA GLY A 349 11.86 -17.57 13.72
C GLY A 349 10.62 -18.44 13.71
N GLU A 350 10.70 -19.58 13.05
CA GLU A 350 9.61 -20.55 13.05
C GLU A 350 10.07 -21.96 12.66
N VAL A 351 9.31 -22.94 13.13
CA VAL A 351 9.53 -24.35 12.80
C VAL A 351 8.21 -25.00 12.42
N ASN A 352 8.26 -25.92 11.47
CA ASN A 352 7.09 -26.54 10.86
C ASN A 352 7.10 -28.05 11.08
N LEU A 353 6.02 -28.56 11.67
CA LEU A 353 5.98 -29.91 12.25
C LEU A 353 4.84 -30.77 11.68
N PRO A 354 5.13 -31.58 10.64
CA PRO A 354 4.18 -32.63 10.27
C PRO A 354 3.94 -33.64 11.40
N LEU A 355 2.73 -33.65 11.96
CA LEU A 355 2.36 -34.52 13.06
C LEU A 355 1.49 -35.66 12.54
N HIS A 356 2.03 -36.87 12.64
CA HIS A 356 1.57 -38.01 11.84
C HIS A 356 0.33 -38.64 12.48
N LEU A 357 0.42 -38.94 13.78
CA LEU A 357 -0.64 -39.67 14.48
C LEU A 357 -1.90 -38.80 14.67
N GLY A 358 -3.06 -39.45 14.74
CA GLY A 358 -4.36 -38.76 14.90
C GLY A 358 -4.94 -38.35 13.56
N TYR A 359 -4.74 -37.08 13.20
CA TYR A 359 -4.90 -36.62 11.82
C TYR A 359 -3.50 -36.21 11.33
N GLU A 360 -3.27 -36.34 10.03
CA GLU A 360 -2.01 -35.90 9.44
C GLU A 360 -2.11 -34.39 9.21
N GLN A 361 -1.50 -33.63 10.12
CA GLN A 361 -1.59 -32.16 10.15
C GLN A 361 -0.17 -31.58 10.12
N THR A 362 -0.06 -30.25 10.13
CA THR A 362 1.23 -29.57 10.15
C THR A 362 1.19 -28.38 11.12
N LEU A 363 1.91 -28.49 12.24
CA LEU A 363 1.97 -27.44 13.25
C LEU A 363 3.12 -26.47 12.95
N THR A 364 2.81 -25.17 12.97
CA THR A 364 3.80 -24.11 12.85
C THR A 364 3.89 -23.37 14.19
N LEU A 365 5.10 -23.32 14.74
CA LEU A 365 5.40 -22.59 15.97
C LEU A 365 6.44 -21.54 15.66
N GLY A 366 6.22 -20.30 16.11
CA GLY A 366 7.18 -19.23 15.84
C GLY A 366 7.07 -18.00 16.72
N SER A 367 8.05 -17.13 16.53
CA SER A 367 8.09 -15.84 17.18
C SER A 367 8.63 -14.78 16.23
N GLU A 368 8.50 -13.53 16.66
CA GLU A 368 8.89 -12.39 15.87
C GLU A 368 9.18 -11.25 16.82
N TRP A 369 10.19 -10.44 16.50
CA TRP A 369 10.49 -9.23 17.26
C TRP A 369 10.76 -8.10 16.28
N THR A 370 10.26 -6.91 16.60
CA THR A 370 10.41 -5.76 15.74
C THR A 370 10.69 -4.53 16.59
N GLU A 371 11.57 -3.67 16.09
CA GLU A 371 11.82 -2.36 16.65
C GLU A 371 11.69 -1.37 15.52
N GLN A 372 11.08 -0.22 15.80
CA GLN A 372 10.99 0.87 14.84
C GLN A 372 11.49 2.13 15.53
N LYS A 373 12.56 2.73 15.01
CA LYS A 373 13.08 4.00 15.55
C LYS A 373 12.91 5.07 14.48
N LEU A 374 12.21 6.14 14.84
CA LEU A 374 11.99 7.26 13.92
C LEU A 374 12.68 8.49 14.49
N ASP A 375 13.46 9.16 13.64
CA ASP A 375 13.99 10.48 13.95
C ASP A 375 13.54 11.45 12.87
N ASP A 376 12.64 12.36 13.24
CA ASP A 376 12.09 13.34 12.32
C ASP A 376 12.18 14.74 12.96
N PRO A 377 13.15 15.56 12.51
CA PRO A 377 13.35 16.89 13.08
C PRO A 377 12.37 17.97 12.63
N SER A 378 11.54 17.71 11.61
CA SER A 378 10.59 18.72 11.14
C SER A 378 9.21 18.60 11.80
N SER A 379 8.77 17.38 12.13
CA SER A 379 7.36 17.15 12.46
C SER A 379 6.93 17.59 13.87
N ASN A 380 7.86 17.58 14.83
CA ASN A 380 7.53 17.84 16.24
C ASN A 380 7.95 19.25 16.68
N THR A 381 7.87 20.20 15.76
CA THR A 381 8.42 21.54 15.93
C THR A 381 7.38 22.66 16.07
N GLN A 382 6.08 22.32 16.02
CA GLN A 382 5.04 23.32 16.20
C GLN A 382 5.15 23.93 17.59
N ASN A 383 5.40 25.24 17.65
CA ASN A 383 5.43 25.94 18.93
C ASN A 383 4.02 26.34 19.38
N THR A 384 3.94 26.80 20.62
CA THR A 384 2.69 27.11 21.30
C THR A 384 2.50 28.62 21.57
N GLU A 385 3.19 29.45 20.80
CA GLU A 385 3.10 30.91 20.96
C GLU A 385 1.69 31.48 20.75
N GLU A 386 1.01 31.01 19.70
CA GLU A 386 -0.24 31.60 19.24
C GLU A 386 -1.48 31.08 19.96
N GLY A 387 -1.59 29.76 20.07
CA GLY A 387 -2.75 29.11 20.67
C GLY A 387 -2.69 28.94 22.18
N GLY A 388 -1.51 29.15 22.77
CA GLY A 388 -1.30 28.99 24.20
C GLY A 388 -0.55 27.72 24.53
N SER A 389 0.02 27.69 25.73
CA SER A 389 0.87 26.59 26.19
C SER A 389 0.05 25.39 26.66
N ILE A 390 0.64 24.20 26.50
CA ILE A 390 -0.03 22.95 26.83
C ILE A 390 0.76 22.26 27.95
N PRO A 391 0.15 22.09 29.15
CA PRO A 391 0.90 21.50 30.26
C PRO A 391 1.43 20.10 29.96
N GLY A 392 2.71 19.88 30.29
CA GLY A 392 3.41 18.65 29.97
C GLY A 392 4.07 18.57 28.60
N LEU A 393 3.86 19.58 27.74
CA LEU A 393 4.46 19.66 26.40
C LEU A 393 5.32 20.92 26.34
N ALA A 394 6.62 20.76 26.06
CA ALA A 394 7.54 21.90 25.90
C ALA A 394 7.26 22.57 24.56
N GLY A 395 7.09 23.89 24.55
CA GLY A 395 6.82 24.64 23.31
C GLY A 395 7.91 24.62 22.25
N LYS A 396 9.15 24.34 22.68
CA LYS A 396 10.31 24.33 21.79
C LYS A 396 11.28 23.19 22.09
N ASN A 397 12.17 22.95 21.13
CA ASN A 397 13.26 21.95 21.21
C ASN A 397 12.79 20.58 21.67
N ARG A 398 11.58 20.19 21.25
CA ARG A 398 11.05 18.88 21.58
C ARG A 398 11.82 17.84 20.80
N SER A 399 11.85 16.62 21.34
CA SER A 399 12.68 15.57 20.77
C SER A 399 12.22 15.17 19.35
N SER A 400 13.21 14.92 18.49
CA SER A 400 13.01 14.35 17.17
C SER A 400 12.52 12.91 17.22
N SER A 401 12.86 12.22 18.31
CA SER A 401 12.91 10.76 18.33
C SER A 401 11.67 10.10 18.94
N SER A 402 11.38 8.93 18.38
CA SER A 402 10.24 8.11 18.75
C SER A 402 10.60 6.69 18.43
N SER A 403 10.08 5.76 19.23
CA SER A 403 10.25 4.35 18.93
C SER A 403 9.19 3.50 19.57
N ALA A 404 9.05 2.29 19.04
CA ALA A 404 8.17 1.28 19.56
C ALA A 404 8.75 -0.08 19.23
N ARG A 405 8.38 -1.07 20.04
CA ARG A 405 8.83 -2.45 19.89
C ARG A 405 7.64 -3.38 20.02
N ILE A 406 7.67 -4.47 19.27
CA ILE A 406 6.65 -5.52 19.37
C ILE A 406 7.36 -6.87 19.41
N PHE A 407 7.15 -7.62 20.50
CA PHE A 407 7.50 -9.06 20.53
C PHE A 407 6.24 -9.87 20.29
N SER A 408 6.39 -10.96 19.53
CA SER A 408 5.25 -11.77 19.09
C SER A 408 5.52 -13.27 19.30
N LEU A 409 4.47 -14.00 19.69
CA LEU A 409 4.46 -15.46 19.70
C LEU A 409 3.30 -15.92 18.83
N PHE A 410 3.46 -17.05 18.15
CA PHE A 410 2.31 -17.68 17.48
C PHE A 410 2.38 -19.19 17.30
N ALA A 411 1.18 -19.77 17.18
CA ALA A 411 1.00 -21.18 16.92
C ALA A 411 -0.11 -21.32 15.88
N GLU A 412 0.14 -22.13 14.86
CA GLU A 412 -0.83 -22.40 13.80
C GLU A 412 -0.80 -23.87 13.47
N ASP A 413 -1.96 -24.45 13.17
CA ASP A 413 -2.04 -25.87 12.86
C ASP A 413 -2.96 -26.12 11.68
N ASN A 414 -2.44 -26.77 10.64
CA ASN A 414 -3.22 -27.09 9.44
C ASN A 414 -3.63 -28.56 9.50
N ILE A 415 -4.93 -28.80 9.73
CA ILE A 415 -5.45 -30.11 10.08
C ILE A 415 -6.36 -30.67 8.98
N GLU A 416 -5.99 -31.82 8.42
CA GLU A 416 -6.89 -32.59 7.58
C GLU A 416 -7.87 -33.36 8.47
N LEU A 417 -9.04 -32.75 8.70
CA LEU A 417 -10.11 -33.34 9.53
C LEU A 417 -10.54 -34.71 8.96
N MET A 418 -10.87 -34.71 7.68
CA MET A 418 -11.03 -35.91 6.85
C MET A 418 -10.75 -35.47 5.41
N PRO A 419 -10.41 -36.40 4.49
CA PRO A 419 -9.98 -35.97 3.15
C PRO A 419 -10.96 -35.02 2.43
N GLY A 420 -10.45 -33.93 1.86
CA GLY A 420 -11.28 -32.89 1.26
C GLY A 420 -11.62 -31.73 2.19
N THR A 421 -11.40 -31.93 3.50
CA THR A 421 -11.67 -30.90 4.53
C THR A 421 -10.38 -30.57 5.28
N MET A 422 -10.02 -29.28 5.31
CA MET A 422 -8.86 -28.79 6.08
C MET A 422 -9.35 -27.71 7.07
N LEU A 423 -8.92 -27.80 8.33
CA LEU A 423 -9.13 -26.72 9.33
C LEU A 423 -7.80 -26.12 9.75
N THR A 424 -7.74 -24.79 9.74
CA THR A 424 -6.50 -24.05 9.98
C THR A 424 -6.70 -23.02 11.10
N PRO A 425 -6.72 -23.47 12.37
CA PRO A 425 -6.66 -22.52 13.48
C PRO A 425 -5.26 -21.94 13.66
N GLY A 426 -5.21 -20.71 14.18
CA GLY A 426 -3.95 -20.09 14.57
C GLY A 426 -4.16 -19.02 15.63
N LEU A 427 -3.20 -18.88 16.54
CA LEU A 427 -3.24 -17.80 17.52
C LEU A 427 -1.95 -17.03 17.49
N ARG A 428 -2.04 -15.71 17.26
CA ARG A 428 -0.91 -14.80 17.40
C ARG A 428 -1.07 -13.95 18.66
N TRP A 429 0.00 -13.87 19.46
CA TRP A 429 0.08 -12.95 20.59
C TRP A 429 1.18 -11.94 20.31
N ASP A 430 0.90 -10.68 20.63
CA ASP A 430 1.83 -9.56 20.36
C ASP A 430 1.92 -8.68 21.61
N HIS A 431 3.14 -8.36 22.04
CA HIS A 431 3.36 -7.38 23.11
C HIS A 431 4.03 -6.12 22.57
N HIS A 432 3.26 -5.03 22.54
CA HIS A 432 3.73 -3.70 22.16
C HIS A 432 4.21 -2.98 23.43
N ASP A 433 5.47 -2.55 23.44
CA ASP A 433 6.10 -1.92 24.62
C ASP A 433 5.38 -0.69 25.22
N ILE A 434 4.46 -0.09 24.49
CA ILE A 434 3.64 1.04 24.96
C ILE A 434 2.14 0.70 25.09
N VAL A 435 1.60 0.07 24.06
CA VAL A 435 0.17 -0.23 23.95
C VAL A 435 -0.21 -1.41 24.83
N GLY A 436 0.71 -2.36 24.94
CA GLY A 436 0.48 -3.60 25.69
C GLY A 436 0.16 -4.77 24.78
N ASP A 437 -0.51 -5.77 25.36
CA ASP A 437 -0.71 -7.06 24.70
C ASP A 437 -1.83 -7.04 23.67
N ASN A 438 -1.70 -7.90 22.66
CA ASN A 438 -2.78 -8.17 21.71
C ASN A 438 -2.88 -9.68 21.45
N TRP A 439 -4.12 -10.18 21.36
CA TRP A 439 -4.38 -11.56 20.92
C TRP A 439 -5.15 -11.55 19.59
N SER A 440 -4.59 -12.19 18.57
CA SER A 440 -5.18 -12.28 17.24
C SER A 440 -5.53 -13.74 16.90
N PRO A 441 -6.74 -14.20 17.31
CA PRO A 441 -7.22 -15.52 16.88
C PRO A 441 -7.49 -15.58 15.39
N SER A 442 -7.34 -16.78 14.83
CA SER A 442 -7.40 -16.99 13.40
C SER A 442 -7.99 -18.36 13.09
N LEU A 443 -8.97 -18.41 12.19
CA LEU A 443 -9.47 -19.69 11.66
C LEU A 443 -9.89 -19.56 10.20
N ASN A 444 -9.23 -20.33 9.35
CA ASN A 444 -9.61 -20.52 7.95
C ASN A 444 -9.79 -22.01 7.65
N LEU A 445 -10.68 -22.32 6.71
CA LEU A 445 -11.01 -23.70 6.37
C LEU A 445 -11.55 -23.88 4.96
N SER A 446 -11.37 -25.09 4.42
CA SER A 446 -11.79 -25.46 3.07
C SER A 446 -12.50 -26.81 3.11
N HIS A 447 -13.62 -26.92 2.40
CA HIS A 447 -14.51 -28.10 2.45
C HIS A 447 -15.00 -28.46 1.04
N ALA A 448 -14.55 -29.60 0.53
CA ALA A 448 -14.97 -30.11 -0.78
C ALA A 448 -16.37 -30.71 -0.67
N LEU A 449 -17.32 -30.08 -1.36
CA LEU A 449 -18.71 -30.56 -1.39
C LEU A 449 -18.88 -31.60 -2.49
N THR A 450 -18.25 -31.37 -3.63
CA THR A 450 -18.02 -32.41 -4.64
C THR A 450 -16.59 -32.27 -5.13
N GLU A 451 -16.19 -33.10 -6.09
CA GLU A 451 -14.88 -32.94 -6.75
C GLU A 451 -14.74 -31.61 -7.50
N ARG A 452 -15.85 -30.96 -7.81
CA ARG A 452 -15.85 -29.68 -8.53
C ARG A 452 -16.16 -28.44 -7.71
N VAL A 453 -16.83 -28.60 -6.57
CA VAL A 453 -17.32 -27.46 -5.81
C VAL A 453 -16.77 -27.50 -4.40
N THR A 454 -16.34 -26.33 -3.93
CA THR A 454 -15.73 -26.19 -2.61
C THR A 454 -16.38 -25.03 -1.88
N LEU A 455 -16.50 -25.19 -0.57
CA LEU A 455 -16.92 -24.13 0.32
C LEU A 455 -15.72 -23.78 1.18
N LYS A 456 -15.42 -22.49 1.27
CA LYS A 456 -14.30 -22.00 2.08
C LYS A 456 -14.78 -20.84 2.93
N ALA A 457 -14.36 -20.83 4.19
CA ALA A 457 -14.72 -19.77 5.12
C ALA A 457 -13.50 -19.35 5.92
N GLY A 458 -13.57 -18.15 6.48
CA GLY A 458 -12.51 -17.63 7.33
C GLY A 458 -13.03 -16.56 8.28
N ILE A 459 -12.39 -16.48 9.44
CA ILE A 459 -12.62 -15.38 10.39
C ILE A 459 -11.36 -15.22 11.23
N ALA A 460 -10.91 -13.98 11.39
CA ALA A 460 -9.74 -13.68 12.22
C ALA A 460 -9.72 -12.22 12.65
N ARG A 461 -8.90 -11.94 13.66
CA ARG A 461 -8.78 -10.61 14.25
C ARG A 461 -7.39 -10.05 13.96
N ALA A 462 -7.30 -9.22 12.93
CA ALA A 462 -6.04 -8.57 12.57
C ALA A 462 -5.69 -7.48 13.58
N TYR A 463 -4.45 -7.01 13.47
CA TYR A 463 -3.86 -6.09 14.44
C TYR A 463 -3.14 -4.97 13.67
N LYS A 464 -3.37 -3.72 14.07
CA LYS A 464 -2.54 -2.61 13.61
C LYS A 464 -2.18 -1.71 14.78
N ALA A 465 -0.89 -1.68 15.11
CA ALA A 465 -0.35 -0.77 16.11
C ALA A 465 -0.51 0.69 15.66
N PRO A 466 -0.67 1.62 16.62
CA PRO A 466 -0.63 3.03 16.26
C PRO A 466 0.68 3.37 15.55
N ASN A 467 0.64 4.27 14.57
CA ASN A 467 1.87 4.76 13.93
C ASN A 467 2.56 5.77 14.87
N LEU A 468 3.86 5.98 14.68
CA LEU A 468 4.68 6.76 15.62
C LEU A 468 4.34 8.26 15.69
N TYR A 469 3.64 8.78 14.69
CA TYR A 469 3.12 10.15 14.78
C TYR A 469 1.91 10.18 15.70
N GLN A 470 0.97 9.24 15.49
CA GLN A 470 -0.25 9.15 16.32
C GLN A 470 0.06 8.95 17.79
N LEU A 471 1.13 8.19 18.06
CA LEU A 471 1.49 7.78 19.41
C LEU A 471 2.33 8.81 20.19
N ASN A 472 2.87 9.82 19.51
CA ASN A 472 3.86 10.73 20.12
C ASN A 472 3.23 11.99 20.73
N PRO A 473 3.26 12.12 22.07
CA PRO A 473 2.80 13.35 22.72
C PRO A 473 3.55 14.64 22.36
N ASP A 474 4.75 14.52 21.79
CA ASP A 474 5.47 15.66 21.25
C ASP A 474 5.00 16.08 19.85
N TYR A 475 4.26 15.21 19.15
CA TYR A 475 3.70 15.52 17.82
C TYR A 475 2.45 16.40 17.93
N LEU A 476 2.59 17.65 17.49
CA LEU A 476 1.57 18.68 17.69
C LEU A 476 1.31 19.42 16.39
N LEU A 477 0.03 19.51 16.03
CA LEU A 477 -0.42 20.31 14.90
C LEU A 477 -1.36 21.36 15.44
N TYR A 478 -1.45 22.49 14.73
CA TYR A 478 -2.20 23.65 15.19
C TYR A 478 -3.07 24.20 14.07
N SER A 479 -4.21 24.77 14.46
CA SER A 479 -5.12 25.40 13.53
C SER A 479 -5.72 26.64 14.19
N ARG A 480 -5.93 27.67 13.38
CA ARG A 480 -6.62 28.89 13.80
C ARG A 480 -8.12 28.69 13.92
N GLY A 481 -8.62 27.57 13.39
CA GLY A 481 -10.02 27.22 13.47
C GLY A 481 -10.53 26.33 12.36
N GLN A 482 -9.89 26.39 11.19
CA GLN A 482 -10.42 25.76 9.96
C GLN A 482 -10.63 24.25 10.04
N GLY A 483 -9.69 23.57 10.70
CA GLY A 483 -9.74 22.12 10.84
C GLY A 483 -10.23 21.59 12.18
N CYS A 484 -10.86 22.44 12.99
CA CYS A 484 -11.29 22.06 14.36
C CYS A 484 -12.70 21.48 14.36
N TYR A 485 -12.87 20.27 14.90
CA TYR A 485 -14.17 19.58 14.85
C TYR A 485 -15.14 20.12 15.89
N GLY A 486 -16.33 20.49 15.43
CA GLY A 486 -17.41 20.94 16.30
C GLY A 486 -17.27 22.38 16.76
N GLN A 487 -16.37 23.14 16.13
CA GLN A 487 -16.13 24.54 16.49
C GLN A 487 -15.35 25.25 15.38
N SER A 488 -15.36 26.58 15.42
CA SER A 488 -14.62 27.39 14.45
C SER A 488 -13.46 28.21 15.04
N THR A 489 -13.22 28.08 16.34
CA THR A 489 -12.07 28.74 16.99
C THR A 489 -10.87 27.79 17.10
N SER A 490 -9.72 28.36 17.44
CA SER A 490 -8.43 27.70 17.27
C SER A 490 -8.26 26.44 18.12
N CYS A 491 -7.48 25.50 17.60
CA CYS A 491 -7.23 24.25 18.29
C CYS A 491 -5.86 23.65 18.02
N TYR A 492 -5.48 22.71 18.90
CA TYR A 492 -4.30 21.87 18.75
C TYR A 492 -4.74 20.43 18.52
N LEU A 493 -3.93 19.68 17.79
CA LEU A 493 -4.08 18.22 17.69
C LEU A 493 -2.81 17.57 18.22
N ARG A 494 -2.96 16.78 19.26
CA ARG A 494 -1.83 16.20 19.97
C ARG A 494 -1.78 14.70 19.87
N GLY A 495 -0.57 14.17 19.66
CA GLY A 495 -0.31 12.73 19.77
C GLY A 495 -0.64 12.20 21.15
N ASN A 496 -0.91 10.90 21.21
CA ASN A 496 -1.53 10.29 22.39
C ASN A 496 -0.92 8.90 22.58
N ASP A 497 -0.10 8.76 23.62
CA ASP A 497 0.67 7.52 23.82
C ASP A 497 -0.09 6.42 24.58
N GLY A 498 -1.34 6.71 24.97
CA GLY A 498 -2.23 5.73 25.59
C GLY A 498 -3.30 5.20 24.64
N LEU A 499 -3.12 5.43 23.34
CA LEU A 499 -4.02 4.88 22.32
C LEU A 499 -4.12 3.36 22.45
N LYS A 500 -5.29 2.83 22.13
CA LYS A 500 -5.44 1.41 21.86
C LYS A 500 -5.05 1.16 20.42
N ALA A 501 -4.55 -0.06 20.17
CA ALA A 501 -4.28 -0.52 18.81
C ALA A 501 -5.59 -0.78 18.09
N GLU A 502 -5.50 -0.76 16.76
CA GLU A 502 -6.65 -1.06 15.92
C GLU A 502 -6.72 -2.57 15.79
N THR A 503 -7.94 -3.10 15.84
CA THR A 503 -8.19 -4.49 15.51
C THR A 503 -9.33 -4.53 14.51
N SER A 504 -9.37 -5.58 13.68
CA SER A 504 -10.47 -5.76 12.72
C SER A 504 -10.83 -7.24 12.62
N VAL A 505 -12.08 -7.57 12.97
CA VAL A 505 -12.59 -8.93 12.84
C VAL A 505 -13.01 -9.09 11.38
N ASN A 506 -12.15 -9.77 10.60
CA ASN A 506 -12.35 -9.89 9.16
C ASN A 506 -12.80 -11.30 8.86
N LYS A 507 -13.94 -11.43 8.17
CA LYS A 507 -14.49 -12.74 7.79
C LYS A 507 -14.83 -12.78 6.31
N GLU A 508 -14.64 -13.95 5.69
CA GLU A 508 -15.09 -14.21 4.31
C GLU A 508 -15.74 -15.60 4.20
N LEU A 509 -16.74 -15.72 3.34
CA LEU A 509 -17.39 -16.99 3.04
C LEU A 509 -17.44 -17.08 1.52
N GLY A 510 -16.97 -18.20 0.97
CA GLY A 510 -16.82 -18.36 -0.47
C GLY A 510 -17.17 -19.73 -0.96
N ILE A 511 -17.88 -19.80 -2.09
CA ILE A 511 -18.12 -21.05 -2.80
C ILE A 511 -17.56 -20.87 -4.21
N GLU A 512 -16.92 -21.92 -4.72
CA GLU A 512 -16.28 -21.89 -6.03
C GLU A 512 -16.46 -23.22 -6.78
N TYR A 513 -16.97 -23.13 -8.00
CA TYR A 513 -16.96 -24.25 -8.94
C TYR A 513 -15.63 -24.17 -9.69
N SER A 514 -14.92 -25.29 -9.80
CA SER A 514 -13.68 -25.33 -10.56
C SER A 514 -13.45 -26.69 -11.23
N HIS A 515 -13.40 -26.69 -12.56
CA HIS A 515 -13.12 -27.91 -13.33
C HIS A 515 -12.69 -27.62 -14.78
N ASP A 516 -11.64 -28.32 -15.23
CA ASP A 516 -10.97 -28.12 -16.53
C ASP A 516 -10.89 -26.66 -16.99
N GLY A 517 -10.20 -25.85 -16.19
CA GLY A 517 -10.03 -24.43 -16.49
C GLY A 517 -11.26 -23.54 -16.45
N LEU A 518 -12.46 -24.10 -16.27
CA LEU A 518 -13.64 -23.28 -15.99
C LEU A 518 -13.70 -23.03 -14.50
N VAL A 519 -13.85 -21.76 -14.14
CA VAL A 519 -13.93 -21.34 -12.76
C VAL A 519 -15.10 -20.37 -12.62
N ALA A 520 -15.96 -20.65 -11.66
CA ALA A 520 -17.03 -19.74 -11.26
C ALA A 520 -17.01 -19.71 -9.74
N GLY A 521 -16.98 -18.51 -9.17
CA GLY A 521 -16.90 -18.37 -7.72
C GLY A 521 -17.53 -17.08 -7.22
N LEU A 522 -17.99 -17.12 -5.98
CA LEU A 522 -18.49 -15.93 -5.32
C LEU A 522 -18.13 -15.97 -3.85
N THR A 523 -17.71 -14.82 -3.35
CA THR A 523 -17.28 -14.66 -1.96
C THR A 523 -17.96 -13.44 -1.37
N TYR A 524 -18.34 -13.55 -0.10
CA TYR A 524 -18.83 -12.44 0.69
C TYR A 524 -17.74 -12.11 1.69
N PHE A 525 -17.51 -10.82 1.94
CA PHE A 525 -16.57 -10.39 2.98
C PHE A 525 -17.18 -9.31 3.88
N ARG A 526 -16.74 -9.29 5.13
CA ARG A 526 -17.06 -8.20 6.05
C ARG A 526 -15.96 -8.04 7.09
N ASN A 527 -15.61 -6.78 7.35
CA ASN A 527 -14.64 -6.42 8.37
C ASN A 527 -15.35 -5.55 9.41
N ASP A 528 -15.30 -5.98 10.67
CA ASP A 528 -15.75 -5.15 11.80
C ASP A 528 -14.51 -4.49 12.40
N TYR A 529 -14.28 -3.25 11.97
CA TYR A 529 -13.02 -2.57 12.16
C TYR A 529 -13.07 -1.72 13.42
N LYS A 530 -12.31 -2.14 14.44
CA LYS A 530 -12.41 -1.59 15.78
C LYS A 530 -11.24 -0.66 16.12
N ASN A 531 -11.55 0.45 16.78
CA ASN A 531 -10.55 1.36 17.35
C ASN A 531 -9.61 1.98 16.31
N LYS A 532 -10.16 2.27 15.12
CA LYS A 532 -9.41 2.95 14.08
C LYS A 532 -8.94 4.30 14.60
N ILE A 533 -7.63 4.57 14.50
CA ILE A 533 -7.06 5.78 15.09
C ILE A 533 -7.26 6.95 14.13
N GLU A 534 -7.75 8.06 14.68
CA GLU A 534 -8.20 9.19 13.89
C GLU A 534 -8.20 10.44 14.76
N SER A 535 -8.19 11.61 14.15
CA SER A 535 -8.13 12.87 14.89
C SER A 535 -9.39 13.06 15.74
N GLY A 536 -9.22 13.49 16.98
CA GLY A 536 -10.32 13.61 17.94
C GLY A 536 -11.47 14.49 17.49
N LEU A 537 -12.65 14.21 18.03
CA LEU A 537 -13.86 15.01 17.73
C LEU A 537 -14.21 16.02 18.81
N SER A 538 -13.81 15.76 20.06
CA SER A 538 -14.10 16.67 21.18
C SER A 538 -12.83 17.06 21.92
N PRO A 539 -12.73 18.34 22.34
CA PRO A 539 -11.63 18.77 23.19
C PRO A 539 -11.50 17.92 24.45
N VAL A 540 -10.27 17.55 24.78
CA VAL A 540 -9.96 16.86 26.05
C VAL A 540 -9.30 17.83 27.05
N ASP A 541 -9.14 19.08 26.66
CA ASP A 541 -8.41 20.11 27.41
C ASP A 541 -8.44 21.42 26.62
N HIS A 542 -7.96 22.50 27.24
CA HIS A 542 -7.69 23.76 26.56
C HIS A 542 -6.33 24.26 27.00
N ALA A 543 -5.54 24.77 26.05
CA ALA A 543 -4.25 25.38 26.36
C ALA A 543 -4.49 26.72 27.07
N SER A 544 -3.42 27.39 27.48
CA SER A 544 -3.56 28.65 28.21
C SER A 544 -2.60 29.72 27.68
N GLY A 545 -3.11 30.95 27.57
CA GLY A 545 -2.37 32.05 26.96
C GLY A 545 -2.42 31.98 25.45
N GLY A 546 -1.48 32.65 24.82
CA GLY A 546 -1.49 32.84 23.37
C GLY A 546 -1.85 34.27 23.03
N LYS A 547 -2.23 34.50 21.76
CA LYS A 547 -2.42 35.85 21.23
C LYS A 547 -3.83 36.01 20.65
N GLY A 548 -4.48 37.12 21.03
CA GLY A 548 -5.76 37.52 20.46
C GLY A 548 -6.87 36.51 20.64
N ASP A 549 -7.72 36.42 19.62
CA ASP A 549 -8.85 35.48 19.60
C ASP A 549 -8.39 34.01 19.58
N TYR A 550 -7.16 33.75 19.12
CA TYR A 550 -6.61 32.38 19.08
C TYR A 550 -6.20 31.84 20.45
N ALA A 551 -6.04 32.70 21.45
CA ALA A 551 -5.56 32.29 22.77
C ALA A 551 -6.48 31.27 23.44
N ASN A 552 -5.87 30.39 24.25
CA ASN A 552 -6.56 29.28 24.93
C ASN A 552 -7.23 28.32 23.94
N ALA A 553 -6.44 27.88 22.96
CA ALA A 553 -6.89 26.92 21.94
C ALA A 553 -7.35 25.61 22.58
N ALA A 554 -8.42 25.04 22.02
CA ALA A 554 -8.86 23.69 22.40
C ALA A 554 -7.77 22.67 22.05
N ILE A 555 -7.61 21.66 22.90
CA ILE A 555 -6.59 20.62 22.71
C ILE A 555 -7.32 19.33 22.36
N TYR A 556 -7.21 18.91 21.11
CA TYR A 556 -7.73 17.63 20.65
C TYR A 556 -6.61 16.59 20.71
N GLN A 557 -6.99 15.32 20.74
CA GLN A 557 -6.02 14.22 20.68
C GLN A 557 -6.32 13.29 19.53
N TRP A 558 -5.31 12.49 19.19
CA TRP A 558 -5.52 11.30 18.40
C TRP A 558 -6.32 10.33 19.27
N GLU A 559 -7.37 9.74 18.70
CA GLU A 559 -8.33 8.94 19.45
C GLU A 559 -8.77 7.71 18.66
N ASN A 560 -9.26 6.71 19.41
CA ASN A 560 -9.76 5.46 18.83
C ASN A 560 -11.25 5.56 18.47
N VAL A 561 -11.55 5.42 17.18
CA VAL A 561 -12.94 5.33 16.69
C VAL A 561 -13.52 3.96 17.04
N PRO A 562 -14.65 3.92 17.78
CA PRO A 562 -15.15 2.63 18.27
C PRO A 562 -15.36 1.59 17.17
N LYS A 563 -16.16 1.94 16.16
CA LYS A 563 -16.55 1.00 15.11
C LYS A 563 -16.49 1.62 13.72
N ALA A 564 -16.00 0.84 12.76
CA ALA A 564 -16.22 1.07 11.35
C ALA A 564 -16.43 -0.28 10.69
N VAL A 565 -17.03 -0.27 9.51
CA VAL A 565 -17.24 -1.50 8.73
C VAL A 565 -16.92 -1.29 7.25
N VAL A 566 -16.41 -2.35 6.64
CA VAL A 566 -16.52 -2.54 5.19
C VAL A 566 -17.17 -3.89 4.95
N GLU A 567 -17.80 -4.00 3.79
CA GLU A 567 -18.52 -5.21 3.43
C GLU A 567 -18.68 -5.21 1.92
N GLY A 568 -18.53 -6.39 1.30
CA GLY A 568 -18.70 -6.50 -0.13
C GLY A 568 -18.64 -7.92 -0.67
N LEU A 569 -18.60 -8.01 -1.99
CA LEU A 569 -18.55 -9.27 -2.69
C LEU A 569 -17.38 -9.28 -3.65
N GLU A 570 -16.77 -10.46 -3.79
CA GLU A 570 -15.76 -10.72 -4.80
C GLU A 570 -16.23 -11.91 -5.61
N GLY A 571 -16.29 -11.74 -6.92
CA GLY A 571 -16.73 -12.79 -7.84
C GLY A 571 -15.66 -13.07 -8.87
N THR A 572 -15.69 -14.28 -9.41
CA THR A 572 -14.72 -14.69 -10.43
C THR A 572 -15.39 -15.59 -11.47
N LEU A 573 -15.11 -15.34 -12.75
CA LEU A 573 -15.64 -16.16 -13.84
C LEU A 573 -14.63 -16.30 -14.97
N THR A 574 -14.11 -17.51 -15.13
CA THR A 574 -13.11 -17.80 -16.15
C THR A 574 -13.65 -18.86 -17.09
N LEU A 575 -13.72 -18.52 -18.38
CA LEU A 575 -14.31 -19.36 -19.40
C LEU A 575 -13.27 -19.76 -20.45
N PRO A 576 -13.07 -21.08 -20.67
CA PRO A 576 -12.25 -21.55 -21.79
C PRO A 576 -13.04 -21.53 -23.11
N LEU A 577 -12.91 -20.45 -23.86
CA LEU A 577 -13.70 -20.27 -25.10
C LEU A 577 -13.25 -21.21 -26.22
N ALA A 578 -11.97 -21.59 -26.18
CA ALA A 578 -11.35 -22.54 -27.11
C ALA A 578 -9.99 -22.91 -26.51
N ASP A 579 -9.28 -23.85 -27.11
CA ASP A 579 -8.03 -24.34 -26.49
C ASP A 579 -6.99 -23.25 -26.24
N GLY A 580 -6.80 -22.36 -27.21
CA GLY A 580 -5.86 -21.24 -27.05
C GLY A 580 -6.48 -19.93 -26.60
N LEU A 581 -7.70 -19.97 -26.04
CA LEU A 581 -8.45 -18.75 -25.75
C LEU A 581 -9.19 -18.82 -24.42
N LYS A 582 -8.88 -17.87 -23.55
CA LYS A 582 -9.40 -17.82 -22.19
C LYS A 582 -9.99 -16.44 -21.93
N TRP A 583 -11.18 -16.42 -21.34
CA TRP A 583 -11.85 -15.19 -20.95
C TRP A 583 -11.98 -15.16 -19.43
N SER A 584 -11.21 -14.28 -18.78
CA SER A 584 -11.12 -14.21 -17.33
C SER A 584 -11.85 -12.95 -16.85
N ASN A 585 -12.62 -13.09 -15.77
CA ASN A 585 -13.38 -11.98 -15.22
C ASN A 585 -13.34 -12.03 -13.71
N ASN A 586 -13.11 -10.89 -13.07
CA ASN A 586 -13.40 -10.74 -11.66
C ASN A 586 -14.27 -9.51 -11.45
N LEU A 587 -15.05 -9.54 -10.37
CA LEU A 587 -15.98 -8.47 -10.06
C LEU A 587 -15.98 -8.26 -8.57
N THR A 588 -15.82 -7.01 -8.16
CA THR A 588 -15.86 -6.68 -6.75
C THR A 588 -16.95 -5.64 -6.57
N TYR A 589 -17.77 -5.81 -5.54
CA TYR A 589 -18.84 -4.87 -5.27
C TYR A 589 -18.82 -4.47 -3.80
N MET A 590 -18.70 -3.16 -3.58
CA MET A 590 -18.63 -2.60 -2.23
C MET A 590 -20.03 -2.28 -1.71
N LEU A 591 -20.42 -3.00 -0.65
CA LEU A 591 -21.74 -2.81 -0.02
C LEU A 591 -21.73 -1.74 1.07
N GLN A 592 -20.65 -1.71 1.87
CA GLN A 592 -20.45 -0.66 2.88
C GLN A 592 -18.99 -0.25 2.94
N SER A 593 -18.79 1.00 3.32
CA SER A 593 -17.50 1.51 3.78
C SER A 593 -17.78 2.73 4.64
N LYS A 594 -17.95 2.52 5.94
CA LYS A 594 -18.40 3.60 6.83
C LYS A 594 -17.72 3.66 8.18
N ASN A 595 -17.34 4.89 8.56
CA ASN A 595 -17.00 5.25 9.93
C ASN A 595 -18.32 5.38 10.67
N LYS A 596 -18.58 4.47 11.60
CA LYS A 596 -19.89 4.40 12.27
C LYS A 596 -20.09 5.43 13.39
N GLU A 597 -19.02 6.16 13.74
CA GLU A 597 -19.15 7.28 14.66
C GLU A 597 -19.61 8.54 13.92
N THR A 598 -18.88 8.96 12.88
CA THR A 598 -19.23 10.19 12.12
C THR A 598 -20.25 9.98 11.00
N GLY A 599 -20.60 8.71 10.70
CA GLY A 599 -21.45 8.39 9.55
C GLY A 599 -20.84 8.68 8.19
N ASP A 600 -19.54 8.96 8.14
CA ASP A 600 -18.86 9.38 6.91
C ASP A 600 -18.20 8.16 6.27
N VAL A 601 -17.58 8.36 5.11
CA VAL A 601 -16.97 7.24 4.38
C VAL A 601 -15.65 6.89 5.06
N LEU A 602 -15.25 5.64 4.97
CA LEU A 602 -13.95 5.24 5.52
C LEU A 602 -12.86 5.44 4.48
N SER A 603 -13.03 4.80 3.33
CA SER A 603 -12.11 4.90 2.21
C SER A 603 -12.92 5.11 0.94
N VAL A 604 -12.54 6.08 0.11
CA VAL A 604 -13.21 6.33 -1.17
C VAL A 604 -12.72 5.31 -2.21
N THR A 605 -13.59 4.36 -2.54
CA THR A 605 -13.35 3.40 -3.63
C THR A 605 -14.51 3.44 -4.62
N PRO A 606 -14.26 2.96 -5.85
CA PRO A 606 -15.39 2.73 -6.76
C PRO A 606 -16.39 1.77 -6.15
N ARG A 607 -17.68 2.01 -6.40
CA ARG A 607 -18.75 1.15 -5.90
C ARG A 607 -18.54 -0.31 -6.35
N TYR A 608 -18.07 -0.47 -7.58
CA TYR A 608 -17.67 -1.78 -8.08
C TYR A 608 -16.43 -1.67 -8.95
N THR A 609 -15.73 -2.80 -9.10
CA THR A 609 -14.72 -2.94 -10.14
C THR A 609 -14.84 -4.30 -10.82
N LEU A 610 -15.06 -4.25 -12.13
CA LEU A 610 -15.17 -5.42 -12.99
C LEU A 610 -13.94 -5.43 -13.88
N ASN A 611 -13.05 -6.40 -13.68
CA ASN A 611 -11.88 -6.57 -14.55
C ASN A 611 -12.13 -7.74 -15.47
N SER A 612 -11.93 -7.53 -16.77
CA SER A 612 -12.12 -8.54 -17.79
C SER A 612 -10.82 -8.64 -18.59
N MET A 613 -10.41 -9.87 -18.93
CA MET A 613 -9.26 -10.11 -19.82
C MET A 613 -9.56 -11.22 -20.82
N LEU A 614 -9.28 -10.94 -22.09
CA LEU A 614 -9.32 -11.95 -23.14
C LEU A 614 -7.89 -12.32 -23.55
N ASP A 615 -7.50 -13.57 -23.28
CA ASP A 615 -6.12 -14.06 -23.45
C ASP A 615 -6.08 -15.09 -24.59
N TRP A 616 -5.45 -14.73 -25.72
CA TRP A 616 -5.40 -15.58 -26.92
C TRP A 616 -3.96 -16.00 -27.21
N GLN A 617 -3.68 -17.30 -27.13
CA GLN A 617 -2.40 -17.86 -27.61
C GLN A 617 -2.51 -18.07 -29.14
N ALA A 618 -2.31 -16.98 -29.88
CA ALA A 618 -2.55 -16.93 -31.33
C ALA A 618 -1.69 -17.94 -32.12
N THR A 619 -0.41 -18.02 -31.78
CA THR A 619 0.47 -19.09 -32.26
C THR A 619 1.33 -19.61 -31.11
N ASP A 620 2.21 -20.56 -31.42
CA ASP A 620 3.29 -20.98 -30.52
C ASP A 620 4.05 -19.79 -29.95
N ASP A 621 4.37 -18.83 -30.81
CA ASP A 621 5.25 -17.71 -30.48
C ASP A 621 4.55 -16.36 -30.29
N LEU A 622 3.24 -16.29 -30.55
CA LEU A 622 2.47 -15.05 -30.44
C LEU A 622 1.33 -15.20 -29.43
N SER A 623 1.24 -14.23 -28.51
CA SER A 623 0.25 -14.19 -27.46
C SER A 623 -0.38 -12.80 -27.49
N LEU A 624 -1.71 -12.72 -27.61
CA LEU A 624 -2.42 -11.44 -27.62
C LEU A 624 -3.40 -11.32 -26.46
N GLN A 625 -3.55 -10.10 -25.95
CA GLN A 625 -4.40 -9.82 -24.80
C GLN A 625 -5.28 -8.62 -25.05
N ALA A 626 -6.56 -8.74 -24.70
CA ALA A 626 -7.44 -7.59 -24.54
C ALA A 626 -7.87 -7.51 -23.08
N THR A 627 -8.09 -6.28 -22.61
CA THR A 627 -8.47 -6.02 -21.22
C THR A 627 -9.54 -4.95 -21.20
N VAL A 628 -10.52 -5.11 -20.33
CA VAL A 628 -11.43 -4.02 -20.00
C VAL A 628 -11.66 -4.00 -18.51
N THR A 629 -11.59 -2.81 -17.93
CA THR A 629 -11.93 -2.61 -16.52
C THR A 629 -13.02 -1.55 -16.41
N TRP A 630 -14.14 -1.95 -15.79
CA TRP A 630 -15.27 -1.05 -15.50
C TRP A 630 -15.26 -0.64 -14.03
N TYR A 631 -15.17 0.66 -13.75
CA TYR A 631 -15.25 1.19 -12.38
C TYR A 631 -16.60 1.82 -12.17
N GLY A 632 -17.11 1.69 -10.96
CA GLY A 632 -18.35 2.34 -10.57
C GLY A 632 -18.15 3.76 -10.11
N LYS A 633 -19.26 4.32 -9.63
CA LYS A 633 -19.36 5.66 -9.09
C LYS A 633 -18.44 5.85 -7.88
N GLN A 634 -17.93 7.06 -7.69
CA GLN A 634 -17.17 7.42 -6.49
C GLN A 634 -17.84 8.59 -5.81
N LYS A 635 -18.08 8.45 -4.49
CA LYS A 635 -18.80 9.44 -3.69
C LYS A 635 -17.87 9.92 -2.57
N PRO A 636 -17.71 11.25 -2.40
CA PRO A 636 -16.79 11.75 -1.37
C PRO A 636 -17.39 11.82 0.04
N LYS A 637 -16.57 12.30 0.97
CA LYS A 637 -16.98 12.63 2.35
C LYS A 637 -18.16 13.57 2.39
N LYS A 638 -19.14 13.27 3.23
CA LYS A 638 -20.31 14.14 3.42
C LYS A 638 -19.99 15.41 4.21
N TYR A 639 -19.06 15.31 5.16
CA TYR A 639 -18.83 16.36 6.15
C TYR A 639 -17.43 16.93 6.04
N ASP A 640 -17.29 18.18 6.45
CA ASP A 640 -15.99 18.87 6.46
C ASP A 640 -15.19 18.53 7.74
N TYR A 641 -14.10 19.25 7.97
CA TYR A 641 -13.29 19.05 9.19
C TYR A 641 -14.06 19.44 10.46
N HIS A 642 -15.01 20.37 10.32
CA HIS A 642 -15.90 20.75 11.42
C HIS A 642 -16.93 19.69 11.80
N GLY A 643 -17.23 18.77 10.88
CA GLY A 643 -18.33 17.83 11.04
C GLY A 643 -19.63 18.28 10.40
N ASP A 644 -19.60 19.45 9.75
CA ASP A 644 -20.78 20.03 9.13
C ASP A 644 -20.95 19.53 7.70
N ARG A 645 -22.22 19.44 7.27
CA ARG A 645 -22.60 19.04 5.91
C ARG A 645 -21.97 19.94 4.84
N VAL A 646 -21.23 19.31 3.94
CA VAL A 646 -20.55 19.97 2.83
C VAL A 646 -21.54 20.55 1.80
N THR A 647 -21.22 21.74 1.28
CA THR A 647 -22.06 22.44 0.28
C THR A 647 -21.28 22.86 -0.96
N GLY A 648 -21.88 22.69 -2.13
CA GLY A 648 -21.30 23.09 -3.41
C GLY A 648 -20.57 21.96 -4.10
N SER A 649 -19.49 22.32 -4.82
CA SER A 649 -18.71 21.36 -5.61
C SER A 649 -17.93 20.34 -4.78
N ALA A 650 -17.86 20.55 -3.47
CA ALA A 650 -17.34 19.52 -2.56
C ALA A 650 -18.24 18.26 -2.45
N ASN A 651 -19.45 18.32 -3.01
CA ASN A 651 -20.32 17.15 -3.19
C ASN A 651 -20.15 16.40 -4.53
N ASP A 652 -19.29 16.90 -5.41
CA ASP A 652 -19.11 16.32 -6.76
C ASP A 652 -18.68 14.86 -6.67
N GLN A 653 -19.31 14.02 -7.51
CA GLN A 653 -19.04 12.60 -7.56
C GLN A 653 -18.53 12.23 -8.93
N LEU A 654 -17.70 11.21 -8.99
CA LEU A 654 -17.21 10.71 -10.26
C LEU A 654 -18.19 9.69 -10.81
N SER A 655 -18.48 9.84 -12.10
CA SER A 655 -19.31 8.90 -12.82
C SER A 655 -18.56 7.59 -13.03
N PRO A 656 -19.30 6.49 -13.25
CA PRO A 656 -18.68 5.25 -13.73
C PRO A 656 -17.96 5.44 -15.06
N TYR A 657 -16.91 4.66 -15.27
CA TYR A 657 -16.22 4.66 -16.55
C TYR A 657 -15.40 3.39 -16.72
N ALA A 658 -14.92 3.18 -17.94
CA ALA A 658 -14.15 2.00 -18.27
C ALA A 658 -12.76 2.36 -18.73
N ILE A 659 -11.85 1.38 -18.70
CA ILE A 659 -10.54 1.50 -19.34
C ILE A 659 -10.26 0.21 -20.11
N ALA A 660 -10.04 0.34 -21.41
CA ALA A 660 -9.71 -0.81 -22.29
C ALA A 660 -8.25 -0.78 -22.72
N GLY A 661 -7.67 -1.95 -22.93
CA GLY A 661 -6.30 -2.07 -23.43
C GLY A 661 -6.09 -3.27 -24.34
N LEU A 662 -5.02 -3.21 -25.12
CA LEU A 662 -4.63 -4.30 -26.02
C LEU A 662 -3.12 -4.41 -25.99
N GLY A 663 -2.61 -5.63 -26.10
CA GLY A 663 -1.17 -5.85 -26.21
C GLY A 663 -0.85 -7.24 -26.67
N GLY A 664 0.42 -7.45 -26.98
CA GLY A 664 0.92 -8.76 -27.33
C GLY A 664 2.33 -9.03 -26.85
N THR A 665 2.75 -10.27 -27.03
CA THR A 665 4.13 -10.68 -26.79
C THR A 665 4.53 -11.58 -27.96
N TYR A 666 5.68 -11.28 -28.57
CA TYR A 666 6.22 -12.12 -29.63
C TYR A 666 7.51 -12.77 -29.17
N ARG A 667 7.54 -14.09 -29.17
CA ARG A 667 8.71 -14.87 -28.81
C ARG A 667 9.61 -15.01 -30.06
N LEU A 668 10.70 -14.26 -30.10
CA LEU A 668 11.69 -14.41 -31.19
C LEU A 668 12.39 -15.75 -31.10
N SER A 669 12.79 -16.12 -29.89
CA SER A 669 13.41 -17.41 -29.63
C SER A 669 13.22 -17.77 -28.16
N LYS A 670 13.89 -18.82 -27.71
CA LYS A 670 13.95 -19.12 -26.27
C LYS A 670 14.68 -18.01 -25.48
N ASN A 671 15.50 -17.21 -26.17
CA ASN A 671 16.31 -16.18 -25.53
C ASN A 671 15.76 -14.75 -25.59
N LEU A 672 14.84 -14.47 -26.51
CA LEU A 672 14.36 -13.09 -26.72
C LEU A 672 12.87 -13.02 -26.94
N SER A 673 12.22 -12.14 -26.18
CA SER A 673 10.79 -11.84 -26.32
C SER A 673 10.61 -10.34 -26.41
N LEU A 674 9.63 -9.90 -27.20
CA LEU A 674 9.23 -8.49 -27.22
C LEU A 674 7.73 -8.33 -27.10
N GLY A 675 7.34 -7.25 -26.43
CA GLY A 675 5.95 -6.93 -26.17
C GLY A 675 5.65 -5.54 -26.66
N ALA A 676 4.41 -5.33 -27.07
CA ALA A 676 3.90 -4.02 -27.43
C ALA A 676 2.42 -3.96 -27.12
N GLY A 677 1.89 -2.76 -26.95
CA GLY A 677 0.47 -2.61 -26.69
C GLY A 677 0.07 -1.19 -26.40
N VAL A 678 -1.17 -1.04 -25.93
CA VAL A 678 -1.72 0.25 -25.55
C VAL A 678 -2.67 0.09 -24.36
N ASP A 679 -2.49 0.97 -23.36
CA ASP A 679 -3.38 1.08 -22.20
C ASP A 679 -4.33 2.24 -22.46
N ASN A 680 -5.57 2.11 -21.99
CA ASN A 680 -6.63 3.12 -22.16
C ASN A 680 -6.85 3.44 -23.64
N LEU A 681 -7.40 2.45 -24.34
CA LEU A 681 -7.54 2.46 -25.78
C LEU A 681 -8.50 3.56 -26.25
N PHE A 682 -9.58 3.77 -25.51
CA PHE A 682 -10.58 4.81 -25.82
C PHE A 682 -10.33 6.14 -25.09
N ASP A 683 -9.11 6.31 -24.59
CA ASP A 683 -8.57 7.60 -24.07
C ASP A 683 -9.44 8.30 -23.03
N LYS A 684 -10.02 7.55 -22.11
CA LYS A 684 -10.82 8.16 -21.06
C LYS A 684 -9.93 8.78 -20.00
N ARG A 685 -10.04 10.10 -19.84
CA ARG A 685 -9.20 10.87 -18.92
C ARG A 685 -10.02 11.56 -17.85
N LEU A 686 -9.43 11.62 -16.67
CA LEU A 686 -9.96 12.38 -15.55
C LEU A 686 -8.82 13.25 -15.05
N PHE A 687 -9.17 14.40 -14.48
CA PHE A 687 -8.22 15.38 -13.99
C PHE A 687 -8.50 15.72 -12.52
N ARG A 688 -7.43 15.87 -11.74
CA ARG A 688 -7.55 16.23 -10.34
C ARG A 688 -7.96 17.70 -10.25
N ALA A 689 -9.09 17.99 -9.59
CA ALA A 689 -9.62 19.37 -9.45
C ALA A 689 -9.32 20.01 -8.09
N GLY A 690 -8.84 19.23 -7.13
CA GLY A 690 -8.50 19.72 -5.81
C GLY A 690 -8.69 18.63 -4.77
N ASN A 691 -8.81 19.07 -3.51
CA ASN A 691 -9.14 18.18 -2.40
C ASN A 691 -10.65 18.05 -2.30
N ALA A 692 -11.13 17.22 -1.38
CA ALA A 692 -12.57 16.96 -1.21
C ALA A 692 -13.35 18.21 -0.84
N GLN A 693 -12.91 18.91 0.20
CA GLN A 693 -13.57 20.13 0.66
C GLN A 693 -12.67 21.34 0.45
N GLY A 694 -13.29 22.51 0.39
CA GLY A 694 -12.58 23.75 0.15
C GLY A 694 -11.91 24.33 1.39
N VAL A 695 -11.14 25.38 1.14
CA VAL A 695 -10.59 26.27 2.16
C VAL A 695 -10.75 27.70 1.63
N VAL A 696 -10.40 28.71 2.43
CA VAL A 696 -10.62 30.11 2.01
C VAL A 696 -9.94 30.37 0.66
N GLY A 697 -10.73 30.75 -0.34
CA GLY A 697 -10.23 31.04 -1.68
C GLY A 697 -10.17 29.88 -2.66
N ILE A 698 -10.47 28.67 -2.19
CA ILE A 698 -10.32 27.45 -2.99
C ILE A 698 -11.51 26.53 -2.69
N ASP A 699 -12.41 26.34 -3.66
CA ASP A 699 -13.55 25.43 -3.48
C ASP A 699 -13.07 24.00 -3.50
N GLY A 700 -13.87 23.10 -2.94
CA GLY A 700 -13.55 21.68 -2.97
C GLY A 700 -13.83 21.10 -4.34
N ALA A 701 -13.39 19.86 -4.54
CA ALA A 701 -13.64 19.11 -5.78
C ALA A 701 -14.32 17.74 -5.58
N GLY A 702 -14.73 17.43 -4.34
CA GLY A 702 -15.40 16.18 -4.02
C GLY A 702 -14.52 14.97 -4.27
N ALA A 703 -14.98 14.09 -5.17
CA ALA A 703 -14.25 12.88 -5.52
C ALA A 703 -13.27 13.04 -6.69
N ALA A 704 -13.22 14.23 -7.30
CA ALA A 704 -12.31 14.52 -8.42
C ALA A 704 -10.91 14.89 -7.89
N THR A 705 -10.26 13.92 -7.25
CA THR A 705 -9.04 14.13 -6.48
C THR A 705 -7.80 13.52 -7.12
N TYR A 706 -7.92 12.95 -8.32
CA TYR A 706 -6.79 12.28 -8.97
C TYR A 706 -6.86 12.39 -10.48
N ASN A 707 -5.73 12.06 -11.12
CA ASN A 707 -5.62 12.01 -12.57
C ASN A 707 -5.68 10.55 -13.04
N GLU A 708 -6.58 10.29 -13.99
CA GLU A 708 -6.59 9.05 -14.73
C GLU A 708 -5.86 9.33 -16.04
N PRO A 709 -4.77 8.56 -16.30
CA PRO A 709 -3.98 8.83 -17.49
C PRO A 709 -4.70 8.36 -18.74
N GLY A 710 -4.42 9.03 -19.86
CA GLY A 710 -5.07 8.75 -21.14
C GLY A 710 -4.36 7.64 -21.89
N ARG A 711 -4.65 7.55 -23.19
CA ARG A 711 -4.06 6.52 -24.04
C ARG A 711 -2.54 6.56 -23.99
N THR A 712 -1.94 5.38 -23.83
CA THR A 712 -0.52 5.25 -23.58
C THR A 712 0.00 3.97 -24.24
N PHE A 713 0.79 4.14 -25.30
CA PHE A 713 1.36 3.02 -26.04
C PHE A 713 2.61 2.56 -25.29
N TYR A 714 2.99 1.30 -25.48
CA TYR A 714 4.17 0.77 -24.79
C TYR A 714 4.92 -0.26 -25.63
N THR A 715 6.21 -0.40 -25.35
CA THR A 715 7.05 -1.45 -25.91
C THR A 715 7.89 -2.05 -24.78
N SER A 716 8.27 -3.32 -24.94
CA SER A 716 9.20 -3.96 -24.02
C SER A 716 10.03 -5.02 -24.74
N LEU A 717 11.17 -5.36 -24.16
CA LEU A 717 12.05 -6.38 -24.70
C LEU A 717 12.79 -7.07 -23.56
N THR A 718 12.75 -8.40 -23.56
CA THR A 718 13.36 -9.21 -22.51
C THR A 718 14.31 -10.21 -23.14
N ALA A 719 15.61 -10.01 -22.91
CA ALA A 719 16.61 -10.99 -23.30
C ALA A 719 16.93 -11.83 -22.06
N SER A 720 16.96 -13.14 -22.23
CA SER A 720 17.09 -14.06 -21.09
C SER A 720 17.83 -15.34 -21.47
N PHE A 721 18.49 -15.95 -20.49
CA PHE A 721 19.06 -17.28 -20.64
C PHE A 721 18.95 -18.05 -19.32
#